data_4DRF
#
_entry.id   4DRF
#
_cell.length_a   59.667
_cell.length_b   59.707
_cell.length_c   101.542
_cell.angle_alpha   81.27
_cell.angle_beta   87.67
_cell.angle_gamma   88.39
#
_symmetry.space_group_name_H-M   'P 1'
#
loop_
_entity.id
_entity.type
_entity.pdbx_description
1 polymer Metallophosphoesterase
2 polymer 'Methyltransferase type 12'
3 non-polymer GLYCEROL
4 water water
#
loop_
_entity_poly.entity_id
_entity_poly.type
_entity_poly.pdbx_seq_one_letter_code
_entity_poly.pdbx_strand_id
1 'polypeptide(L)'
;MILDINDVLGKKIITTRLMSSITIHEENSIAALEVMSRFAADPHWLIYLPPTMSPCETSKKEGMLEHPIEAFEYFRTRGV
GKVVCEQKHMGSRAVVIVCKDSQVAEKRFGVLDGTAGICYTRTGRHFFDDMQLEAELIDRVRKVLDKSGFWGDFNTDWVC
LDCELMPWSAKAQKLLEEQYSAVGISGRVVLDEAVKLLKQASLNKTVSFDVSRQTSGKNADINELLQRFTERSEMMQKYV
EAYRKYCWPVNSIDDLKLAPFHILATEGKVHSDKNHIWHMDTIAKYCTQDDSLIMATNHILVDVTDAESVDKGIKWWEDL
TASGGEGMVVKPYDFIVKNGRELLQPAVKCRGREYLRIIYGPEYTMDENIERLRNRAVGKKRSLALREFSLGMEALERFV
RNEPLYRVHECVFGVLALESEPVDPRL
;
A,C
2 'polypeptide(L)'
;MILTITYTQPPATDLGYLLHKNPSRPQTFELNHGKAHIFYPEATSERCTVALLLDIDPIDLARGKKGSSGEGGLFDYVND
RPYVSSSFMSVAISRVFGTAMSGKCKEKPELAAIKLPLKAKIMMLPCKGGEEIIYRLFEPLGYKVDVEGYMLDEKFPEWG
KSRYYTVSLEGEVRVRDLLNHIYVLIPVLDSEKHYWVGEDEIDKLFQHGEGWLVDHPEKELITGRYLIRK
;
B,D
#
loop_
_chem_comp.id
_chem_comp.type
_chem_comp.name
_chem_comp.formula
GOL non-polymer GLYCEROL 'C3 H8 O3'
#
# COMPACT_ATOMS: atom_id res chain seq x y z
N LEU A 9 7.35 -37.96 34.51
CA LEU A 9 8.16 -38.38 33.36
C LEU A 9 9.45 -37.56 33.28
N GLY A 10 9.47 -36.57 32.40
CA GLY A 10 10.67 -35.84 32.02
C GLY A 10 10.40 -35.27 30.64
N LYS A 11 11.45 -35.14 29.82
CA LYS A 11 11.23 -34.64 28.46
C LYS A 11 11.15 -35.78 27.46
N LYS A 12 10.16 -35.70 26.58
CA LYS A 12 10.01 -36.63 25.48
C LYS A 12 10.57 -35.99 24.22
N ILE A 13 11.51 -36.68 23.57
CA ILE A 13 12.12 -36.22 22.33
C ILE A 13 11.56 -37.03 21.17
N ILE A 14 10.92 -36.36 20.22
CA ILE A 14 10.31 -37.06 19.10
C ILE A 14 11.03 -36.71 17.81
N THR A 15 11.17 -37.72 16.95
CA THR A 15 11.89 -37.54 15.72
C THR A 15 10.88 -37.62 14.60
N THR A 16 10.93 -36.66 13.70
CA THR A 16 10.02 -36.64 12.54
C THR A 16 10.81 -36.44 11.23
N ARG A 17 10.19 -36.85 10.14
CA ARG A 17 10.80 -36.65 8.83
C ARG A 17 11.03 -35.16 8.51
N LEU A 18 10.18 -34.29 9.04
CA LEU A 18 10.22 -32.87 8.71
C LEU A 18 11.02 -32.04 9.68
N MET A 19 11.08 -32.49 10.94
CA MET A 19 11.91 -31.87 11.98
C MET A 19 12.53 -32.96 12.83
N SER A 20 13.84 -33.11 12.76
CA SER A 20 14.44 -34.27 13.41
C SER A 20 14.36 -34.21 14.94
N SER A 21 14.27 -33.00 15.48
CA SER A 21 14.18 -32.83 16.93
C SER A 21 12.97 -31.96 17.33
N ILE A 22 12.00 -32.59 17.99
CA ILE A 22 10.85 -31.91 18.56
C ILE A 22 10.72 -32.28 20.04
N THR A 23 10.78 -31.29 20.91
CA THR A 23 10.78 -31.57 22.35
C THR A 23 9.42 -31.39 23.00
N ILE A 24 8.99 -32.42 23.73
CA ILE A 24 7.80 -32.34 24.55
C ILE A 24 8.15 -32.19 26.04
N HIS A 25 8.04 -30.97 26.56
CA HIS A 25 8.31 -30.68 27.97
C HIS A 25 7.29 -31.31 28.96
N GLU A 26 7.82 -31.73 30.12
CA GLU A 26 7.07 -32.52 31.11
C GLU A 26 5.69 -31.95 31.43
N GLU A 27 5.66 -30.66 31.67
CA GLU A 27 4.43 -29.99 32.02
C GLU A 27 3.38 -29.95 30.90
N ASN A 28 3.83 -29.92 29.65
CA ASN A 28 2.95 -30.10 28.50
C ASN A 28 2.57 -31.58 28.39
N SER A 29 3.55 -32.45 28.60
CA SER A 29 3.27 -33.87 28.70
C SER A 29 2.17 -34.20 29.72
N ILE A 30 2.28 -33.66 30.94
CA ILE A 30 1.26 -33.95 31.97
C ILE A 30 -0.10 -33.41 31.57
N ALA A 31 -0.14 -32.12 31.23
CA ALA A 31 -1.36 -31.44 30.80
C ALA A 31 -2.10 -32.16 29.67
N ALA A 32 -1.37 -32.99 28.92
CA ALA A 32 -1.97 -33.72 27.81
C ALA A 32 -2.50 -35.04 28.29
N LEU A 33 -1.72 -35.69 29.16
CA LEU A 33 -2.08 -36.98 29.75
C LEU A 33 -3.43 -36.88 30.40
N GLU A 34 -3.64 -35.78 31.11
CA GLU A 34 -4.93 -35.48 31.73
C GLU A 34 -6.11 -35.58 30.75
N VAL A 35 -5.96 -34.95 29.58
CA VAL A 35 -7.08 -34.84 28.65
C VAL A 35 -7.11 -35.95 27.61
N MET A 36 -6.02 -36.70 27.50
CA MET A 36 -5.99 -37.85 26.60
C MET A 36 -6.56 -39.09 27.30
N SER A 37 -6.30 -39.20 28.59
CA SER A 37 -6.68 -40.39 29.33
C SER A 37 -8.13 -40.37 29.75
N ARG A 38 -8.65 -39.20 30.09
CA ARG A 38 -9.99 -39.11 30.65
C ARG A 38 -11.10 -39.10 29.58
N PHE A 39 -11.06 -38.12 28.67
CA PHE A 39 -12.09 -37.99 27.64
C PHE A 39 -11.49 -38.01 26.23
N ALA A 40 -11.24 -39.21 25.69
CA ALA A 40 -10.78 -39.32 24.32
C ALA A 40 -11.24 -40.64 23.70
N ALA A 41 -11.26 -40.69 22.38
CA ALA A 41 -11.73 -41.88 21.69
C ALA A 41 -10.72 -43.02 21.78
N ASP A 42 -11.12 -44.20 21.32
CA ASP A 42 -10.25 -45.37 21.20
C ASP A 42 -8.92 -44.96 20.56
N PRO A 43 -7.81 -45.06 21.32
CA PRO A 43 -6.46 -44.65 20.89
C PRO A 43 -5.99 -45.34 19.61
N HIS A 44 -6.67 -46.43 19.23
CA HIS A 44 -6.44 -47.14 17.98
C HIS A 44 -6.81 -46.31 16.75
N TRP A 45 -7.89 -45.52 16.87
CA TRP A 45 -8.35 -44.63 15.80
C TRP A 45 -7.49 -43.39 15.64
N LEU A 46 -6.86 -42.96 16.72
CA LEU A 46 -6.10 -41.71 16.72
C LEU A 46 -4.76 -41.81 16.00
N ILE A 47 -4.82 -41.79 14.67
CA ILE A 47 -3.62 -41.90 13.84
C ILE A 47 -3.18 -40.52 13.38
N TYR A 48 -3.95 -39.50 13.76
CA TYR A 48 -3.69 -38.14 13.31
C TYR A 48 -4.46 -37.16 14.15
N LEU A 49 -3.79 -36.09 14.58
CA LEU A 49 -4.46 -34.89 15.07
C LEU A 49 -3.96 -33.68 14.29
N PRO A 50 -4.90 -32.85 13.78
CA PRO A 50 -4.66 -31.61 13.04
C PRO A 50 -3.82 -30.60 13.81
N PRO A 51 -3.08 -29.75 13.09
CA PRO A 51 -2.28 -28.75 13.82
C PRO A 51 -3.06 -27.46 13.96
N THR A 52 -2.62 -26.61 14.89
CA THR A 52 -3.10 -25.26 14.96
C THR A 52 -2.55 -24.51 13.75
N MET A 53 -3.21 -23.44 13.37
CA MET A 53 -2.86 -22.73 12.15
C MET A 53 -2.52 -21.31 12.49
N SER A 54 -1.50 -20.75 11.86
CA SER A 54 -1.11 -19.36 12.10
C SER A 54 -1.93 -18.37 11.28
N PRO A 55 -2.10 -17.13 11.79
CA PRO A 55 -2.73 -16.09 10.97
C PRO A 55 -1.67 -15.34 10.17
N CYS A 56 -2.11 -14.39 9.36
CA CYS A 56 -1.17 -13.58 8.63
C CYS A 56 -0.55 -12.53 9.54
N GLU A 57 0.39 -11.76 9.02
CA GLU A 57 0.81 -10.54 9.67
C GLU A 57 -0.38 -9.60 9.64
N THR A 58 -0.37 -8.57 10.48
CA THR A 58 -1.51 -7.68 10.52
C THR A 58 -1.47 -6.72 9.32
N SER A 59 -2.63 -6.34 8.83
CA SER A 59 -2.77 -5.37 7.75
C SER A 59 -2.55 -3.93 8.24
N LYS A 60 -2.50 -3.00 7.30
CA LYS A 60 -2.41 -1.58 7.63
C LYS A 60 -3.49 -0.78 6.90
N LYS A 61 -4.23 -1.46 6.03
CA LYS A 61 -5.39 -0.86 5.41
C LYS A 61 -6.36 -0.40 6.49
N GLU A 62 -7.06 0.69 6.23
CA GLU A 62 -8.00 1.29 7.16
C GLU A 62 -9.05 0.33 7.66
N GLY A 63 -9.20 0.24 8.97
CA GLY A 63 -10.25 -0.55 9.56
C GLY A 63 -9.96 -2.04 9.52
N MET A 64 -8.80 -2.40 8.98
CA MET A 64 -8.44 -3.80 8.74
C MET A 64 -7.33 -4.28 9.67
N LEU A 65 -7.52 -5.46 10.25
CA LEU A 65 -6.47 -6.06 11.07
C LEU A 65 -5.82 -7.20 10.29
N GLU A 66 -6.64 -8.03 9.65
CA GLU A 66 -6.19 -9.08 8.74
C GLU A 66 -6.76 -8.83 7.35
N HIS A 67 -5.89 -8.89 6.33
CA HIS A 67 -6.28 -8.69 4.93
C HIS A 67 -5.43 -9.65 4.05
N PRO A 68 -5.97 -10.12 2.91
CA PRO A 68 -5.28 -11.17 2.14
C PRO A 68 -3.87 -10.79 1.66
N ILE A 69 -3.58 -9.50 1.55
CA ILE A 69 -2.30 -9.08 0.99
C ILE A 69 -1.09 -9.65 1.73
N GLU A 70 -1.16 -9.72 3.05
CA GLU A 70 -0.04 -10.23 3.85
C GLU A 70 0.12 -11.75 3.84
N ALA A 71 -0.98 -12.47 3.67
CA ALA A 71 -0.90 -13.93 3.52
C ALA A 71 -0.21 -14.27 2.19
N PHE A 72 -0.58 -13.53 1.15
CA PHE A 72 0.05 -13.68 -0.16
C PHE A 72 1.55 -13.39 -0.07
N GLU A 73 1.89 -12.30 0.60
CA GLU A 73 3.30 -11.93 0.77
C GLU A 73 4.10 -12.97 1.49
N TYR A 74 3.48 -13.62 2.48
CA TYR A 74 4.18 -14.64 3.25
C TYR A 74 4.76 -15.68 2.30
N PHE A 75 3.94 -16.15 1.38
CA PHE A 75 4.40 -17.14 0.41
C PHE A 75 5.27 -16.59 -0.73
N ARG A 76 4.93 -15.40 -1.23
CA ARG A 76 5.70 -14.82 -2.33
C ARG A 76 7.15 -14.57 -1.91
N THR A 77 7.33 -13.89 -0.78
CA THR A 77 8.66 -13.56 -0.26
C THR A 77 9.45 -14.79 0.19
N ARG A 78 8.79 -15.94 0.29
CA ARG A 78 9.48 -17.18 0.64
C ARG A 78 9.58 -18.09 -0.56
N GLY A 79 9.39 -17.50 -1.73
CA GLY A 79 9.56 -18.22 -2.99
C GLY A 79 8.47 -19.20 -3.40
N VAL A 80 7.26 -19.05 -2.88
CA VAL A 80 6.12 -19.87 -3.30
C VAL A 80 5.23 -18.97 -4.13
N GLY A 81 5.15 -19.27 -5.42
CA GLY A 81 4.55 -18.35 -6.38
C GLY A 81 3.09 -18.67 -6.57
N LYS A 82 2.73 -19.91 -6.23
CA LYS A 82 1.33 -20.30 -6.31
C LYS A 82 0.70 -20.80 -5.00
N VAL A 83 -0.43 -20.18 -4.64
CA VAL A 83 -1.19 -20.58 -3.47
C VAL A 83 -2.60 -21.00 -3.85
N VAL A 84 -3.20 -21.86 -3.03
CA VAL A 84 -4.61 -22.19 -3.15
C VAL A 84 -5.41 -21.61 -1.98
N CYS A 85 -6.38 -20.78 -2.29
CA CYS A 85 -7.23 -20.16 -1.30
C CYS A 85 -8.53 -20.96 -1.12
N GLU A 86 -8.75 -21.43 0.10
CA GLU A 86 -9.96 -22.20 0.40
C GLU A 86 -10.87 -21.51 1.42
N GLN A 87 -12.17 -21.57 1.17
CA GLN A 87 -13.15 -20.91 2.02
C GLN A 87 -13.15 -21.57 3.39
N LYS A 88 -13.09 -20.73 4.43
CA LYS A 88 -13.29 -21.20 5.78
C LYS A 88 -14.78 -21.17 6.09
N HIS A 89 -15.32 -22.30 6.47
CA HIS A 89 -16.74 -22.39 6.78
C HIS A 89 -16.94 -22.18 8.28
N MET A 90 -18.19 -21.95 8.68
CA MET A 90 -18.56 -21.67 10.06
C MET A 90 -18.61 -22.91 10.97
N GLY A 91 -17.47 -23.58 11.16
CA GLY A 91 -17.46 -24.85 11.83
C GLY A 91 -16.16 -25.35 12.48
N SER A 92 -16.32 -26.35 13.34
CA SER A 92 -15.21 -26.96 14.05
C SER A 92 -14.30 -27.67 13.06
N ARG A 93 -13.22 -28.27 13.56
CA ARG A 93 -12.43 -29.16 12.72
C ARG A 93 -12.59 -30.58 13.24
N ALA A 94 -12.73 -31.52 12.30
CA ALA A 94 -13.03 -32.91 12.63
C ALA A 94 -12.27 -33.85 11.70
N VAL A 95 -11.71 -34.92 12.26
CA VAL A 95 -11.04 -35.93 11.45
C VAL A 95 -12.03 -37.05 11.19
N VAL A 96 -12.17 -37.42 9.93
CA VAL A 96 -13.08 -38.51 9.57
C VAL A 96 -12.35 -39.73 8.98
N ILE A 97 -12.53 -40.87 9.64
CA ILE A 97 -11.93 -42.12 9.19
C ILE A 97 -13.03 -43.10 8.85
N VAL A 98 -12.98 -43.64 7.64
CA VAL A 98 -14.02 -44.57 7.22
C VAL A 98 -13.47 -45.88 6.70
N CYS A 99 -13.89 -46.96 7.36
CA CYS A 99 -13.60 -48.32 6.93
C CYS A 99 -14.78 -48.89 6.14
N LYS A 100 -14.52 -49.84 5.26
CA LYS A 100 -15.60 -50.48 4.52
C LYS A 100 -16.51 -51.29 5.45
N ASP A 101 -15.90 -51.95 6.45
CA ASP A 101 -16.64 -52.73 7.44
C ASP A 101 -15.89 -52.78 8.77
N SER A 102 -16.54 -53.32 9.78
CA SER A 102 -15.93 -53.46 11.10
C SER A 102 -14.74 -54.41 11.08
N GLN A 103 -14.70 -55.25 10.04
CA GLN A 103 -13.61 -56.19 9.86
C GLN A 103 -12.34 -55.44 9.44
N VAL A 104 -12.52 -54.47 8.55
CA VAL A 104 -11.41 -53.60 8.17
C VAL A 104 -10.90 -52.89 9.42
N ALA A 105 -11.81 -52.23 10.13
CA ALA A 105 -11.47 -51.52 11.35
C ALA A 105 -10.67 -52.42 12.32
N GLU A 106 -11.23 -53.58 12.65
CA GLU A 106 -10.58 -54.50 13.56
C GLU A 106 -9.19 -54.96 13.08
N LYS A 107 -9.08 -55.25 11.78
CA LYS A 107 -7.86 -55.82 11.21
C LYS A 107 -6.79 -54.77 10.95
N ARG A 108 -7.21 -53.59 10.54
CA ARG A 108 -6.27 -52.54 10.12
C ARG A 108 -5.89 -51.58 11.27
N PHE A 109 -6.85 -51.23 12.11
CA PHE A 109 -6.57 -50.30 13.20
C PHE A 109 -6.41 -50.98 14.53
N GLY A 110 -7.05 -52.14 14.66
CA GLY A 110 -7.03 -52.88 15.91
C GLY A 110 -8.22 -52.51 16.76
N VAL A 111 -9.18 -51.81 16.16
CA VAL A 111 -10.38 -51.35 16.85
C VAL A 111 -11.26 -52.53 17.25
N LEU A 112 -11.59 -52.63 18.53
CA LEU A 112 -12.23 -53.86 19.02
C LEU A 112 -13.73 -53.79 19.32
N ASP A 113 -14.33 -52.61 19.21
CA ASP A 113 -15.75 -52.44 19.57
C ASP A 113 -16.73 -52.48 18.40
N GLY A 114 -16.26 -52.97 17.24
CA GLY A 114 -17.12 -53.15 16.08
C GLY A 114 -17.48 -51.89 15.30
N THR A 115 -16.94 -50.74 15.72
CA THR A 115 -17.17 -49.50 14.99
C THR A 115 -16.47 -49.59 13.64
N ALA A 116 -17.12 -49.05 12.60
CA ALA A 116 -16.57 -49.12 11.24
C ALA A 116 -16.06 -47.76 10.77
N GLY A 117 -15.95 -46.82 11.71
CA GLY A 117 -15.50 -45.48 11.39
C GLY A 117 -15.63 -44.53 12.57
N ILE A 118 -14.95 -43.40 12.50
CA ILE A 118 -14.97 -42.44 13.59
C ILE A 118 -14.89 -41.02 13.09
N CYS A 119 -15.62 -40.13 13.76
CA CYS A 119 -15.47 -38.71 13.56
C CYS A 119 -15.02 -38.03 14.88
N TYR A 120 -13.76 -37.60 14.93
CA TYR A 120 -13.24 -36.98 16.15
C TYR A 120 -12.71 -35.56 15.97
N THR A 121 -12.52 -34.89 17.10
CA THR A 121 -12.09 -33.50 17.16
C THR A 121 -10.58 -33.37 17.30
N ARG A 122 -10.11 -32.14 17.25
CA ARG A 122 -8.67 -31.86 17.43
C ARG A 122 -8.09 -32.27 18.79
N THR A 123 -8.94 -32.59 19.76
CA THR A 123 -8.47 -33.05 21.06
C THR A 123 -8.45 -34.59 21.17
N GLY A 124 -8.91 -35.24 20.11
CA GLY A 124 -8.90 -36.70 20.04
C GLY A 124 -10.12 -37.31 20.68
N ARG A 125 -11.24 -36.60 20.57
CA ARG A 125 -12.47 -37.04 21.22
C ARG A 125 -13.65 -36.92 20.27
N HIS A 126 -14.60 -37.82 20.46
CA HIS A 126 -15.74 -37.89 19.56
C HIS A 126 -16.45 -36.56 19.43
N PHE A 127 -16.58 -36.13 18.19
CA PHE A 127 -17.37 -34.96 17.85
C PHE A 127 -18.81 -35.03 18.38
N PHE A 128 -19.38 -36.24 18.39
CA PHE A 128 -20.74 -36.43 18.89
C PHE A 128 -20.78 -37.18 20.22
N ASP A 129 -21.77 -36.87 21.05
CA ASP A 129 -22.04 -37.68 22.23
C ASP A 129 -22.89 -38.87 21.78
N ASP A 130 -23.93 -38.58 21.00
CA ASP A 130 -24.75 -39.60 20.38
C ASP A 130 -23.91 -40.41 19.39
N MET A 131 -23.49 -41.59 19.81
CA MET A 131 -22.63 -42.45 18.99
C MET A 131 -23.34 -42.93 17.72
N GLN A 132 -24.66 -42.96 17.77
CA GLN A 132 -25.47 -43.37 16.62
C GLN A 132 -25.35 -42.35 15.50
N LEU A 133 -25.24 -41.08 15.89
CA LEU A 133 -25.14 -40.01 14.91
C LEU A 133 -23.80 -40.06 14.22
N GLU A 134 -22.78 -40.47 14.97
CA GLU A 134 -21.46 -40.63 14.38
C GLU A 134 -21.51 -41.69 13.28
N ALA A 135 -21.99 -42.88 13.64
CA ALA A 135 -22.04 -43.98 12.67
C ALA A 135 -22.93 -43.69 11.46
N GLU A 136 -24.02 -42.96 11.65
CA GLU A 136 -24.88 -42.59 10.54
C GLU A 136 -24.17 -41.65 9.55
N LEU A 137 -23.33 -40.78 10.08
CA LEU A 137 -22.59 -39.86 9.22
C LEU A 137 -21.47 -40.60 8.50
N ILE A 138 -20.85 -41.53 9.21
CA ILE A 138 -19.78 -42.35 8.65
C ILE A 138 -20.27 -43.17 7.44
N ASP A 139 -21.41 -43.83 7.57
CA ASP A 139 -21.86 -44.68 6.48
C ASP A 139 -22.41 -43.87 5.31
N ARG A 140 -22.86 -42.67 5.60
CA ARG A 140 -23.33 -41.77 4.55
C ARG A 140 -22.14 -41.38 3.69
N VAL A 141 -21.05 -41.04 4.36
CA VAL A 141 -19.77 -40.84 3.69
C VAL A 141 -19.31 -42.11 2.93
N ARG A 142 -19.55 -43.28 3.52
CA ARG A 142 -19.16 -44.55 2.90
C ARG A 142 -19.92 -44.86 1.62
N LYS A 143 -21.23 -44.62 1.65
CA LYS A 143 -22.10 -44.85 0.50
C LYS A 143 -21.59 -44.08 -0.71
N VAL A 144 -21.20 -42.84 -0.45
CA VAL A 144 -20.68 -41.96 -1.48
C VAL A 144 -19.38 -42.50 -2.12
N LEU A 145 -18.49 -42.97 -1.26
CA LEU A 145 -17.21 -43.50 -1.72
C LEU A 145 -17.43 -44.79 -2.49
N ASP A 146 -18.55 -45.46 -2.21
CA ASP A 146 -18.96 -46.58 -3.05
C ASP A 146 -19.40 -46.02 -4.40
N LYS A 147 -20.48 -45.24 -4.42
CA LYS A 147 -20.92 -44.52 -5.62
C LYS A 147 -19.90 -43.57 -6.25
N SER A 148 -18.65 -44.02 -6.40
CA SER A 148 -17.65 -43.23 -7.10
C SER A 148 -16.51 -44.15 -7.51
N GLY A 149 -16.39 -45.25 -6.78
CA GLY A 149 -15.33 -46.21 -6.97
C GLY A 149 -14.07 -45.78 -6.24
N PHE A 150 -14.22 -45.19 -5.06
CA PHE A 150 -13.06 -44.76 -4.30
C PHE A 150 -12.17 -45.95 -3.97
N TRP A 151 -12.75 -46.93 -3.25
CA TRP A 151 -12.02 -48.10 -2.75
C TRP A 151 -11.18 -48.76 -3.82
N GLY A 152 -11.78 -48.90 -5.00
CA GLY A 152 -11.09 -49.46 -6.13
C GLY A 152 -9.99 -48.55 -6.63
N ASP A 153 -10.37 -47.33 -6.97
CA ASP A 153 -9.45 -46.37 -7.57
C ASP A 153 -8.23 -46.15 -6.72
N PHE A 154 -8.43 -46.23 -5.41
CA PHE A 154 -7.32 -46.04 -4.45
C PHE A 154 -6.75 -47.34 -3.89
N ASN A 155 -7.37 -48.47 -4.26
CA ASN A 155 -6.91 -49.79 -3.83
C ASN A 155 -6.72 -49.79 -2.31
N THR A 156 -7.82 -49.53 -1.63
CA THR A 156 -7.83 -49.32 -0.18
C THR A 156 -9.17 -49.70 0.44
N ASP A 157 -9.11 -50.22 1.66
CA ASP A 157 -10.34 -50.52 2.40
C ASP A 157 -10.67 -49.45 3.44
N TRP A 158 -9.90 -48.37 3.46
CA TRP A 158 -10.10 -47.31 4.47
C TRP A 158 -9.61 -45.94 4.03
N VAL A 159 -10.12 -44.90 4.65
CA VAL A 159 -9.68 -43.55 4.33
C VAL A 159 -9.76 -42.61 5.53
N CYS A 160 -8.74 -41.77 5.70
CA CYS A 160 -8.70 -40.74 6.74
C CYS A 160 -8.86 -39.35 6.13
N LEU A 161 -9.90 -38.62 6.55
CA LEU A 161 -10.21 -37.32 5.94
C LEU A 161 -10.08 -36.14 6.92
N ASP A 162 -9.58 -35.02 6.41
CA ASP A 162 -9.45 -33.79 7.21
C ASP A 162 -10.55 -32.86 6.75
N CYS A 163 -11.38 -32.43 7.69
CA CYS A 163 -12.66 -31.82 7.35
C CYS A 163 -13.11 -30.66 8.23
N GLU A 164 -13.91 -29.82 7.62
CA GLU A 164 -14.71 -28.83 8.30
C GLU A 164 -16.03 -29.52 8.62
N LEU A 165 -16.45 -29.45 9.87
CA LEU A 165 -17.80 -29.92 10.23
C LEU A 165 -18.67 -28.78 10.78
N MET A 166 -19.79 -28.55 10.12
CA MET A 166 -20.72 -27.52 10.54
C MET A 166 -22.05 -28.14 11.00
N PRO A 167 -22.74 -27.47 11.94
CA PRO A 167 -22.35 -26.18 12.52
C PRO A 167 -21.35 -26.38 13.65
N TRP A 168 -21.32 -25.44 14.58
CA TRP A 168 -20.52 -25.60 15.78
C TRP A 168 -20.94 -26.89 16.50
N SER A 169 -19.99 -27.55 17.16
CA SER A 169 -20.34 -28.67 18.05
C SER A 169 -21.25 -28.21 19.20
N ALA A 170 -21.96 -29.16 19.80
CA ALA A 170 -22.92 -28.89 20.87
C ALA A 170 -22.25 -28.21 22.06
N LYS A 171 -21.00 -28.60 22.28
CA LYS A 171 -20.18 -28.06 23.36
C LYS A 171 -19.79 -26.64 22.99
N ALA A 172 -19.56 -26.45 21.69
CA ALA A 172 -19.14 -25.17 21.16
C ALA A 172 -20.28 -24.15 21.19
N GLN A 173 -21.50 -24.63 20.97
CA GLN A 173 -22.70 -23.77 20.92
C GLN A 173 -23.23 -23.42 22.30
N LYS A 174 -22.54 -23.85 23.34
CA LYS A 174 -22.94 -23.52 24.68
C LYS A 174 -22.28 -22.21 25.03
N LEU A 175 -21.11 -21.99 24.44
CA LEU A 175 -20.37 -20.75 24.64
C LEU A 175 -21.22 -19.54 24.26
N LEU A 176 -22.12 -19.73 23.31
CA LEU A 176 -23.05 -18.69 22.91
C LEU A 176 -23.93 -18.29 24.09
N GLU A 177 -24.21 -19.24 24.98
CA GLU A 177 -25.06 -18.97 26.14
C GLU A 177 -24.22 -18.47 27.30
N GLU A 178 -23.09 -19.13 27.52
CA GLU A 178 -22.25 -18.87 28.66
C GLU A 178 -21.38 -17.60 28.58
N GLN A 179 -21.29 -16.99 27.40
CA GLN A 179 -20.24 -16.01 27.10
C GLN A 179 -20.63 -14.93 26.10
N TYR A 180 -20.81 -15.34 24.84
CA TYR A 180 -21.05 -14.43 23.73
C TYR A 180 -22.30 -13.55 23.86
N SER A 181 -23.43 -14.16 24.20
CA SER A 181 -24.67 -13.45 24.47
C SER A 181 -24.61 -12.62 25.76
N ALA A 182 -23.83 -13.06 26.73
CA ALA A 182 -23.70 -12.31 27.99
C ALA A 182 -23.13 -10.92 27.71
N VAL A 183 -21.98 -10.89 27.05
CA VAL A 183 -21.40 -9.67 26.50
C VAL A 183 -22.35 -8.91 25.58
N GLY A 184 -23.12 -9.65 24.78
CA GLY A 184 -24.03 -9.07 23.82
C GLY A 184 -25.23 -8.32 24.43
N ILE A 185 -25.92 -8.95 25.40
CA ILE A 185 -27.01 -8.29 26.10
C ILE A 185 -26.55 -7.10 26.97
N SER A 186 -25.45 -7.27 27.69
CA SER A 186 -25.00 -6.23 28.60
C SER A 186 -24.53 -5.02 27.79
N GLY A 187 -23.82 -5.30 26.72
CA GLY A 187 -23.30 -4.26 25.83
C GLY A 187 -24.38 -3.52 25.05
N ARG A 188 -25.34 -4.26 24.49
CA ARG A 188 -26.43 -3.56 23.78
C ARG A 188 -27.23 -2.63 24.66
N VAL A 189 -27.67 -3.11 25.83
CA VAL A 189 -28.51 -2.33 26.73
C VAL A 189 -27.86 -1.03 27.23
N VAL A 190 -26.66 -1.14 27.80
CA VAL A 190 -25.98 0.03 28.33
C VAL A 190 -25.53 1.02 27.25
N LEU A 191 -25.13 0.52 26.10
CA LEU A 191 -24.67 1.41 25.03
C LEU A 191 -25.85 2.13 24.39
N ASP A 192 -27.01 1.49 24.38
CA ASP A 192 -28.22 2.13 23.88
C ASP A 192 -28.70 3.16 24.90
N GLU A 193 -28.61 2.81 26.18
CA GLU A 193 -28.96 3.78 27.19
C GLU A 193 -27.95 4.93 27.21
N ALA A 194 -26.67 4.64 26.92
CA ALA A 194 -25.64 5.68 26.92
C ALA A 194 -25.90 6.72 25.85
N VAL A 195 -26.44 6.26 24.74
CA VAL A 195 -26.68 7.11 23.61
C VAL A 195 -27.91 7.98 23.88
N LYS A 196 -28.95 7.36 24.44
CA LYS A 196 -30.17 8.05 24.77
C LYS A 196 -29.92 9.20 25.75
N LEU A 197 -29.15 8.90 26.79
CA LEU A 197 -28.81 9.88 27.82
C LEU A 197 -27.98 11.06 27.30
N LEU A 198 -26.95 10.75 26.52
CA LEU A 198 -26.09 11.76 25.94
C LEU A 198 -26.90 12.66 25.02
N LYS A 199 -27.71 12.03 24.18
CA LYS A 199 -28.63 12.71 23.28
C LYS A 199 -29.53 13.71 24.01
N GLN A 200 -30.16 13.28 25.08
CA GLN A 200 -30.99 14.15 25.91
C GLN A 200 -30.18 15.36 26.39
N ALA A 201 -28.99 15.08 26.91
CA ALA A 201 -28.07 16.12 27.40
C ALA A 201 -27.60 17.02 26.26
N SER A 202 -27.44 16.43 25.08
CA SER A 202 -27.09 17.17 23.87
C SER A 202 -28.16 18.24 23.61
N LEU A 203 -29.43 17.87 23.76
CA LEU A 203 -30.53 18.77 23.47
C LEU A 203 -30.82 19.73 24.62
N ASN A 204 -30.42 19.37 25.83
CA ASN A 204 -30.70 20.19 27.02
C ASN A 204 -29.47 20.93 27.53
N LYS A 205 -28.64 21.41 26.63
CA LYS A 205 -27.34 21.95 26.98
C LYS A 205 -27.29 23.46 26.81
N GLY A 217 -11.82 16.64 37.13
CA GLY A 217 -11.11 16.03 36.03
C GLY A 217 -10.93 17.05 34.92
N LYS A 218 -11.36 16.70 33.72
CA LYS A 218 -11.23 17.60 32.58
C LYS A 218 -12.53 17.80 31.83
N ASN A 219 -12.57 18.82 30.99
CA ASN A 219 -13.78 19.11 30.22
C ASN A 219 -14.07 18.15 29.11
N ALA A 220 -15.31 17.70 29.07
CA ALA A 220 -15.77 16.84 28.00
C ALA A 220 -16.70 17.62 27.10
N ASP A 221 -16.78 17.20 25.85
CA ASP A 221 -17.75 17.73 24.91
C ASP A 221 -18.86 16.69 24.76
N ILE A 222 -20.11 17.11 24.94
CA ILE A 222 -21.22 16.18 24.93
C ILE A 222 -21.41 15.53 23.53
N ASN A 223 -21.19 16.30 22.47
CA ASN A 223 -21.42 15.81 21.12
C ASN A 223 -20.35 14.85 20.61
N GLU A 224 -19.11 15.04 21.04
CA GLU A 224 -18.07 14.06 20.79
C GLU A 224 -18.47 12.78 21.49
N LEU A 225 -18.73 12.88 22.79
CA LEU A 225 -19.20 11.76 23.60
C LEU A 225 -20.33 11.00 22.93
N LEU A 226 -21.36 11.71 22.52
CA LEU A 226 -22.49 11.06 21.88
C LEU A 226 -22.11 10.29 20.61
N GLN A 227 -21.21 10.87 19.82
CA GLN A 227 -20.74 10.26 18.57
C GLN A 227 -19.92 9.00 18.85
N ARG A 228 -19.07 9.11 19.85
CA ARG A 228 -18.23 8.02 20.30
C ARG A 228 -19.08 6.86 20.81
N PHE A 229 -20.13 7.17 21.56
CA PHE A 229 -20.93 6.12 22.14
C PHE A 229 -21.91 5.61 21.13
N THR A 230 -22.24 6.46 20.17
CA THR A 230 -22.97 6.00 18.97
C THR A 230 -22.19 4.94 18.19
N GLU A 231 -20.88 5.18 18.00
CA GLU A 231 -20.02 4.21 17.32
C GLU A 231 -19.90 2.93 18.12
N ARG A 232 -19.66 3.04 19.42
CA ARG A 232 -19.59 1.84 20.25
C ARG A 232 -20.85 1.00 20.13
N SER A 233 -22.00 1.66 20.17
CA SER A 233 -23.28 0.97 20.08
C SER A 233 -23.42 0.23 18.75
N GLU A 234 -22.92 0.84 17.68
CA GLU A 234 -23.05 0.24 16.37
C GLU A 234 -22.20 -1.02 16.27
N MET A 235 -20.96 -0.94 16.78
CA MET A 235 -20.06 -2.08 16.72
C MET A 235 -20.61 -3.26 17.50
N MET A 236 -21.27 -2.93 18.61
CA MET A 236 -21.89 -3.91 19.48
C MET A 236 -23.10 -4.57 18.81
N GLN A 237 -23.78 -3.86 17.91
CA GLN A 237 -24.90 -4.48 17.19
C GLN A 237 -24.38 -5.53 16.21
N LYS A 238 -23.29 -5.17 15.53
CA LYS A 238 -22.65 -6.03 14.56
C LYS A 238 -22.10 -7.29 15.22
N TYR A 239 -21.41 -7.11 16.35
CA TYR A 239 -20.94 -8.24 17.14
C TYR A 239 -22.06 -9.23 17.39
N VAL A 240 -23.18 -8.73 17.89
CA VAL A 240 -24.32 -9.56 18.23
C VAL A 240 -24.91 -10.29 17.00
N GLU A 241 -24.81 -9.66 15.83
CA GLU A 241 -25.33 -10.27 14.61
C GLU A 241 -24.33 -11.27 14.05
N ALA A 242 -23.07 -11.09 14.42
CA ALA A 242 -22.03 -12.00 14.01
C ALA A 242 -22.08 -13.36 14.74
N TYR A 243 -22.37 -13.37 16.03
CA TYR A 243 -22.37 -14.64 16.76
C TYR A 243 -23.64 -15.41 16.54
N ARG A 244 -24.75 -14.70 16.28
CA ARG A 244 -26.04 -15.38 16.23
C ARG A 244 -26.10 -16.45 15.13
N LYS A 245 -25.43 -16.14 14.03
CA LYS A 245 -25.33 -17.03 12.88
C LYS A 245 -24.87 -18.46 13.22
N TYR A 246 -23.95 -18.57 14.16
CA TYR A 246 -23.44 -19.86 14.61
C TYR A 246 -24.42 -20.64 15.47
N CYS A 247 -25.62 -20.09 15.70
CA CYS A 247 -26.61 -20.89 16.39
C CYS A 247 -27.58 -21.57 15.42
N TRP A 248 -27.54 -22.91 15.45
CA TRP A 248 -28.62 -23.77 15.02
C TRP A 248 -28.24 -25.20 15.40
N PRO A 249 -29.13 -25.87 16.14
CA PRO A 249 -28.85 -27.18 16.77
C PRO A 249 -28.96 -28.36 15.83
N VAL A 250 -28.18 -29.38 16.13
CA VAL A 250 -28.14 -30.61 15.38
C VAL A 250 -29.21 -31.55 15.91
N ASN A 251 -30.40 -31.47 15.32
CA ASN A 251 -31.50 -32.32 15.74
C ASN A 251 -31.46 -33.66 15.01
N SER A 252 -30.77 -33.68 13.88
CA SER A 252 -30.62 -34.88 13.08
C SER A 252 -29.38 -34.75 12.21
N ILE A 253 -29.16 -35.73 11.34
CA ILE A 253 -28.05 -35.68 10.41
C ILE A 253 -28.26 -34.65 9.29
N ASP A 254 -29.50 -34.21 9.10
CA ASP A 254 -29.76 -33.26 8.03
C ASP A 254 -29.39 -31.84 8.43
N ASP A 255 -28.90 -31.67 9.65
CA ASP A 255 -28.41 -30.37 10.13
C ASP A 255 -26.89 -30.19 9.98
N LEU A 256 -26.19 -31.31 9.86
CA LEU A 256 -24.74 -31.31 9.67
C LEU A 256 -24.37 -30.93 8.25
N LYS A 257 -23.20 -30.30 8.13
CA LYS A 257 -22.56 -30.10 6.84
C LYS A 257 -21.10 -30.48 7.01
N LEU A 258 -20.56 -31.22 6.04
CA LEU A 258 -19.19 -31.70 6.12
C LEU A 258 -18.40 -31.46 4.83
N ALA A 259 -17.24 -30.83 4.96
CA ALA A 259 -16.44 -30.47 3.80
C ALA A 259 -14.99 -30.93 3.99
N PRO A 260 -14.62 -32.06 3.39
CA PRO A 260 -13.23 -32.51 3.52
C PRO A 260 -12.32 -31.59 2.77
N PHE A 261 -11.09 -31.37 3.25
CA PHE A 261 -10.13 -30.57 2.50
C PHE A 261 -8.76 -31.26 2.26
N HIS A 262 -8.52 -32.36 2.95
CA HIS A 262 -7.38 -33.20 2.63
C HIS A 262 -7.84 -34.65 2.57
N ILE A 263 -7.38 -35.40 1.58
CA ILE A 263 -7.40 -36.85 1.76
C ILE A 263 -6.03 -37.16 2.31
N LEU A 264 -5.99 -37.64 3.55
CA LEU A 264 -4.74 -37.67 4.29
C LEU A 264 -4.01 -38.97 4.06
N ALA A 265 -4.76 -40.06 4.16
CA ALA A 265 -4.19 -41.38 4.11
C ALA A 265 -5.16 -42.44 3.60
N THR A 266 -4.67 -43.29 2.71
CA THR A 266 -5.37 -44.51 2.30
C THR A 266 -4.36 -45.62 2.48
N GLU A 267 -4.78 -46.87 2.28
CA GLU A 267 -3.87 -48.01 2.49
C GLU A 267 -2.60 -47.87 1.67
N GLY A 268 -1.47 -47.75 2.36
CA GLY A 268 -0.17 -47.69 1.71
C GLY A 268 0.35 -46.30 1.37
N LYS A 269 -0.52 -45.31 1.38
CA LYS A 269 -0.09 -43.97 0.99
C LYS A 269 -0.55 -42.86 1.93
N VAL A 270 0.34 -41.90 2.11
CA VAL A 270 0.02 -40.61 2.70
C VAL A 270 0.00 -39.60 1.54
N HIS A 271 -1.01 -38.76 1.49
CA HIS A 271 -1.18 -37.89 0.33
C HIS A 271 -0.61 -36.49 0.50
N SER A 272 0.40 -36.38 1.36
CA SER A 272 1.13 -35.13 1.55
C SER A 272 2.07 -34.79 0.39
N ASP A 273 2.11 -35.65 -0.62
CA ASP A 273 2.85 -35.32 -1.84
C ASP A 273 1.95 -34.60 -2.83
N LYS A 274 0.64 -34.79 -2.71
CA LYS A 274 -0.34 -34.16 -3.59
C LYS A 274 -0.64 -32.71 -3.26
N ASN A 275 -0.58 -31.85 -4.28
CA ASN A 275 -1.00 -30.43 -4.20
C ASN A 275 -2.47 -30.21 -3.79
N HIS A 276 -2.85 -28.97 -3.44
CA HIS A 276 -4.18 -28.74 -2.88
C HIS A 276 -5.27 -28.66 -3.93
N ILE A 277 -4.89 -28.51 -5.19
CA ILE A 277 -5.88 -28.60 -6.26
C ILE A 277 -6.31 -30.04 -6.39
N TRP A 278 -5.32 -30.93 -6.38
CA TRP A 278 -5.56 -32.36 -6.31
C TRP A 278 -6.52 -32.73 -5.18
N HIS A 279 -6.24 -32.23 -3.98
CA HIS A 279 -7.09 -32.49 -2.82
C HIS A 279 -8.51 -32.01 -3.07
N MET A 280 -8.65 -30.75 -3.49
CA MET A 280 -9.97 -30.19 -3.78
C MET A 280 -10.71 -31.01 -4.83
N ASP A 281 -10.13 -31.10 -6.02
CA ASP A 281 -10.70 -31.88 -7.11
C ASP A 281 -11.02 -33.31 -6.73
N THR A 282 -10.05 -34.04 -6.18
CA THR A 282 -10.24 -35.47 -5.87
C THR A 282 -11.32 -35.70 -4.80
N ILE A 283 -11.49 -34.75 -3.89
CA ILE A 283 -12.56 -34.84 -2.88
C ILE A 283 -13.91 -34.58 -3.53
N ALA A 284 -13.94 -33.69 -4.52
CA ALA A 284 -15.20 -33.35 -5.17
C ALA A 284 -15.75 -34.50 -6.01
N LYS A 285 -14.85 -35.24 -6.66
CA LYS A 285 -15.21 -36.40 -7.49
C LYS A 285 -15.63 -37.60 -6.65
N TYR A 286 -15.00 -37.77 -5.49
CA TYR A 286 -15.25 -38.99 -4.72
C TYR A 286 -16.16 -38.85 -3.53
N CYS A 287 -16.22 -37.65 -2.93
CA CYS A 287 -16.93 -37.47 -1.65
C CYS A 287 -18.14 -36.55 -1.70
N THR A 288 -18.31 -35.78 -2.78
CA THR A 288 -19.30 -34.70 -2.77
C THR A 288 -20.40 -34.89 -3.82
N GLN A 289 -20.35 -36.00 -4.54
CA GLN A 289 -21.28 -36.24 -5.63
C GLN A 289 -22.57 -36.90 -5.17
N ASP A 290 -23.69 -36.19 -5.35
CA ASP A 290 -25.05 -36.73 -5.13
C ASP A 290 -25.47 -36.84 -3.67
N ASP A 291 -24.71 -36.23 -2.78
CA ASP A 291 -25.19 -36.00 -1.43
C ASP A 291 -25.00 -34.53 -1.12
N SER A 292 -25.97 -33.96 -0.42
CA SER A 292 -25.90 -32.56 -0.04
C SER A 292 -25.22 -32.40 1.32
N LEU A 293 -24.94 -33.53 1.98
CA LEU A 293 -24.32 -33.52 3.32
C LEU A 293 -22.81 -33.30 3.23
N ILE A 294 -22.20 -33.78 2.16
CA ILE A 294 -20.77 -33.62 1.98
C ILE A 294 -20.51 -32.70 0.82
N MET A 295 -20.00 -31.51 1.12
CA MET A 295 -19.79 -30.50 0.08
C MET A 295 -18.35 -30.37 -0.43
N ALA A 296 -18.25 -29.90 -1.66
CA ALA A 296 -16.99 -29.43 -2.20
C ALA A 296 -16.78 -28.02 -1.69
N THR A 297 -15.53 -27.68 -1.37
CA THR A 297 -15.25 -26.35 -0.79
C THR A 297 -14.89 -25.38 -1.91
N ASN A 298 -15.41 -24.15 -1.81
CA ASN A 298 -15.10 -23.09 -2.78
C ASN A 298 -13.65 -22.68 -2.68
N HIS A 299 -12.95 -22.68 -3.82
CA HIS A 299 -11.54 -22.30 -3.83
C HIS A 299 -11.12 -21.69 -5.16
N ILE A 300 -10.00 -20.98 -5.12
CA ILE A 300 -9.39 -20.38 -6.31
C ILE A 300 -7.90 -20.63 -6.24
N LEU A 301 -7.19 -20.37 -7.34
CA LEU A 301 -5.73 -20.46 -7.36
C LEU A 301 -5.18 -19.06 -7.61
N VAL A 302 -4.19 -18.68 -6.81
CA VAL A 302 -3.69 -17.33 -6.93
C VAL A 302 -2.21 -17.37 -7.20
N ASP A 303 -1.79 -16.60 -8.19
CA ASP A 303 -0.39 -16.36 -8.44
C ASP A 303 -0.01 -15.13 -7.66
N VAL A 304 0.71 -15.34 -6.58
CA VAL A 304 1.09 -14.26 -5.70
C VAL A 304 2.13 -13.31 -6.33
N THR A 305 2.60 -13.63 -7.52
CA THR A 305 3.52 -12.75 -8.23
C THR A 305 2.83 -11.79 -9.20
N ASP A 306 1.54 -12.03 -9.48
CA ASP A 306 0.80 -11.24 -10.48
C ASP A 306 -0.28 -10.33 -9.84
N ALA A 307 -0.16 -9.03 -10.06
CA ALA A 307 -1.04 -8.05 -9.40
C ALA A 307 -2.52 -8.29 -9.65
N GLU A 308 -2.85 -8.93 -10.76
CA GLU A 308 -4.26 -9.09 -11.12
C GLU A 308 -4.78 -10.45 -10.67
N SER A 309 -3.87 -11.41 -10.51
CA SER A 309 -4.26 -12.62 -9.82
C SER A 309 -4.47 -12.29 -8.34
N VAL A 310 -3.52 -11.58 -7.73
CA VAL A 310 -3.65 -11.10 -6.35
C VAL A 310 -4.94 -10.30 -6.14
N ASP A 311 -5.23 -9.37 -7.04
CA ASP A 311 -6.43 -8.54 -6.95
C ASP A 311 -7.69 -9.37 -6.97
N LYS A 312 -7.68 -10.43 -7.77
CA LYS A 312 -8.82 -11.33 -7.89
C LYS A 312 -9.11 -12.04 -6.57
N GLY A 313 -8.04 -12.55 -5.96
CA GLY A 313 -8.14 -13.26 -4.70
C GLY A 313 -8.67 -12.32 -3.63
N ILE A 314 -8.39 -11.03 -3.78
CA ILE A 314 -8.84 -10.07 -2.78
C ILE A 314 -10.33 -9.87 -2.89
N LYS A 315 -10.76 -9.59 -4.11
CA LYS A 315 -12.16 -9.47 -4.44
C LYS A 315 -12.92 -10.71 -4.00
N TRP A 316 -12.41 -11.87 -4.39
CA TRP A 316 -13.01 -13.15 -4.00
C TRP A 316 -13.21 -13.22 -2.48
N TRP A 317 -12.19 -12.78 -1.75
CA TRP A 317 -12.20 -12.81 -0.29
C TRP A 317 -13.16 -11.78 0.33
N GLU A 318 -13.20 -10.58 -0.26
CA GLU A 318 -14.20 -9.56 0.08
C GLU A 318 -15.62 -10.09 -0.10
N ASP A 319 -15.84 -10.89 -1.14
CA ASP A 319 -17.15 -11.51 -1.34
C ASP A 319 -17.50 -12.64 -0.36
N LEU A 320 -16.54 -13.52 -0.05
CA LEU A 320 -16.76 -14.56 0.94
C LEU A 320 -17.19 -13.96 2.27
N THR A 321 -16.57 -12.85 2.61
CA THR A 321 -16.81 -12.25 3.92
C THR A 321 -17.79 -11.07 3.83
N ALA A 322 -18.47 -10.92 2.70
CA ALA A 322 -19.52 -9.93 2.62
C ALA A 322 -20.64 -10.20 3.63
N SER A 323 -21.07 -11.46 3.76
CA SER A 323 -22.17 -11.79 4.70
C SER A 323 -22.01 -11.35 6.18
N GLY A 324 -20.92 -11.71 6.87
CA GLY A 324 -19.77 -12.38 6.27
C GLY A 324 -19.24 -13.64 6.92
N GLY A 325 -18.79 -14.57 6.06
CA GLY A 325 -18.12 -15.78 6.50
C GLY A 325 -16.77 -15.54 7.14
N GLU A 326 -16.18 -16.58 7.70
CA GLU A 326 -14.97 -16.42 8.49
C GLU A 326 -13.75 -15.97 7.67
N GLY A 327 -13.77 -16.21 6.36
CA GLY A 327 -12.64 -15.81 5.54
C GLY A 327 -12.06 -16.95 4.74
N MET A 328 -10.76 -16.92 4.48
CA MET A 328 -10.12 -18.01 3.76
C MET A 328 -8.93 -18.58 4.47
N VAL A 329 -8.64 -19.83 4.16
CA VAL A 329 -7.39 -20.42 4.57
C VAL A 329 -6.50 -20.39 3.34
N VAL A 330 -5.35 -19.75 3.45
CA VAL A 330 -4.40 -19.70 2.33
C VAL A 330 -3.34 -20.78 2.50
N LYS A 331 -3.22 -21.63 1.48
CA LYS A 331 -2.27 -22.74 1.53
C LYS A 331 -1.29 -22.64 0.38
N PRO A 332 -0.07 -23.16 0.58
CA PRO A 332 0.84 -23.27 -0.56
C PRO A 332 0.27 -24.24 -1.60
N TYR A 333 0.65 -24.09 -2.87
CA TYR A 333 0.17 -25.02 -3.89
C TYR A 333 0.49 -26.48 -3.53
N ASP A 334 1.73 -26.79 -3.20
CA ASP A 334 2.08 -28.13 -2.74
C ASP A 334 1.79 -28.31 -1.26
N PHE A 335 1.60 -29.55 -0.84
CA PHE A 335 1.19 -29.83 0.53
C PHE A 335 2.29 -29.43 1.52
N ILE A 336 3.53 -29.78 1.20
CA ILE A 336 4.67 -29.46 2.04
C ILE A 336 5.69 -28.72 1.20
N VAL A 337 6.02 -27.50 1.63
CA VAL A 337 6.97 -26.67 0.92
C VAL A 337 8.07 -26.18 1.83
N LYS A 338 9.23 -25.94 1.23
CA LYS A 338 10.39 -25.48 1.96
C LYS A 338 10.93 -24.27 1.24
N ASN A 339 11.64 -23.42 1.97
CA ASN A 339 12.37 -22.32 1.39
C ASN A 339 13.80 -22.70 1.67
N GLY A 340 14.39 -23.46 0.75
CA GLY A 340 15.66 -24.10 1.01
C GLY A 340 15.43 -25.33 1.88
N ARG A 341 15.83 -25.25 3.14
CA ARG A 341 15.59 -26.34 4.08
C ARG A 341 14.53 -25.94 5.12
N GLU A 342 14.19 -24.65 5.13
CA GLU A 342 13.23 -24.12 6.07
C GLU A 342 11.81 -24.49 5.62
N LEU A 343 11.15 -25.32 6.41
CA LEU A 343 9.76 -25.69 6.18
C LEU A 343 8.85 -24.46 6.35
N LEU A 344 7.94 -24.25 5.41
CA LEU A 344 7.06 -23.11 5.43
C LEU A 344 5.73 -23.53 6.02
N GLN A 345 4.92 -22.56 6.43
CA GLN A 345 3.60 -22.82 7.00
C GLN A 345 2.74 -23.53 5.96
N PRO A 346 2.13 -24.64 6.36
CA PRO A 346 1.23 -25.36 5.45
C PRO A 346 -0.09 -24.62 5.27
N ALA A 347 -0.32 -23.60 6.08
CA ALA A 347 -1.57 -22.82 6.04
C ALA A 347 -1.44 -21.50 6.77
N VAL A 348 -2.18 -20.51 6.32
CA VAL A 348 -2.22 -19.21 6.93
C VAL A 348 -3.66 -18.74 6.80
N LYS A 349 -4.34 -18.50 7.91
CA LYS A 349 -5.72 -18.02 7.85
C LYS A 349 -5.76 -16.49 7.71
N CYS A 350 -6.79 -16.02 7.02
CA CYS A 350 -7.04 -14.59 6.86
C CYS A 350 -8.50 -14.39 7.24
N ARG A 351 -8.76 -13.92 8.45
CA ARG A 351 -10.14 -13.95 8.93
C ARG A 351 -10.97 -12.71 8.58
N GLY A 352 -12.27 -12.91 8.40
CA GLY A 352 -13.17 -11.84 8.00
C GLY A 352 -13.28 -10.73 9.05
N ARG A 353 -13.34 -9.49 8.58
CA ARG A 353 -13.43 -8.30 9.43
C ARG A 353 -14.56 -8.32 10.46
N GLU A 354 -15.73 -8.78 10.06
CA GLU A 354 -16.84 -8.91 10.97
C GLU A 354 -16.65 -10.08 11.90
N TYR A 355 -16.21 -11.20 11.34
CA TYR A 355 -16.01 -12.42 12.10
C TYR A 355 -15.07 -12.20 13.29
N LEU A 356 -14.12 -11.31 13.12
CA LEU A 356 -13.09 -11.13 14.13
C LEU A 356 -13.59 -10.43 15.41
N ARG A 357 -14.83 -9.94 15.39
CA ARG A 357 -15.44 -9.41 16.61
C ARG A 357 -15.68 -10.55 17.63
N ILE A 358 -15.92 -11.74 17.09
CA ILE A 358 -16.07 -12.96 17.88
C ILE A 358 -14.71 -13.39 18.51
N ILE A 359 -13.60 -12.81 18.03
CA ILE A 359 -12.26 -13.16 18.49
C ILE A 359 -11.52 -12.02 19.23
N TYR A 360 -11.45 -10.85 18.61
CA TYR A 360 -10.80 -9.70 19.24
C TYR A 360 -11.79 -8.79 19.99
N GLY A 361 -13.08 -9.14 19.95
CA GLY A 361 -14.09 -8.45 20.71
C GLY A 361 -14.93 -7.53 19.86
N PRO A 362 -16.11 -7.15 20.37
CA PRO A 362 -17.13 -6.29 19.75
C PRO A 362 -16.58 -5.00 19.16
N GLU A 363 -15.65 -4.37 19.87
CA GLU A 363 -15.18 -3.02 19.54
C GLU A 363 -13.77 -2.98 19.00
N TYR A 364 -13.33 -4.06 18.36
CA TYR A 364 -11.93 -4.16 17.96
C TYR A 364 -11.65 -3.24 16.75
N THR A 365 -12.68 -2.93 15.98
CA THR A 365 -12.52 -2.15 14.75
C THR A 365 -12.45 -0.66 15.05
N MET A 366 -12.73 -0.29 16.29
CA MET A 366 -12.64 1.11 16.64
C MET A 366 -11.17 1.53 16.63
N ASP A 367 -10.93 2.78 16.22
CA ASP A 367 -9.62 3.30 15.86
C ASP A 367 -8.55 3.06 16.94
N GLU A 368 -8.78 3.65 18.11
CA GLU A 368 -7.84 3.57 19.23
C GLU A 368 -7.58 2.13 19.69
N ASN A 369 -8.47 1.21 19.32
CA ASN A 369 -8.29 -0.20 19.62
C ASN A 369 -7.49 -0.94 18.53
N ILE A 370 -8.01 -0.93 17.31
CA ILE A 370 -7.42 -1.70 16.20
C ILE A 370 -5.95 -1.32 16.06
N GLU A 371 -5.65 -0.06 16.34
CA GLU A 371 -4.27 0.39 16.29
C GLU A 371 -3.33 -0.38 17.22
N ARG A 372 -3.72 -0.54 18.48
CA ARG A 372 -2.90 -1.27 19.43
C ARG A 372 -2.89 -2.78 19.15
N LEU A 373 -3.93 -3.27 18.46
CA LEU A 373 -4.03 -4.68 18.16
C LEU A 373 -3.13 -5.11 16.99
N ARG A 374 -2.66 -4.13 16.21
CA ARG A 374 -1.88 -4.38 14.99
C ARG A 374 -0.47 -4.84 15.30
N ASN A 375 -0.05 -4.60 16.52
CA ASN A 375 1.24 -5.08 16.97
C ASN A 375 1.06 -6.42 17.67
N ARG A 376 1.02 -7.51 16.89
CA ARG A 376 0.91 -8.85 17.47
C ARG A 376 2.07 -9.76 17.08
N ALA A 377 2.46 -10.62 18.03
CA ALA A 377 3.62 -11.46 17.86
C ALA A 377 3.18 -12.86 17.46
N VAL A 378 3.53 -13.27 16.25
CA VAL A 378 3.02 -14.52 15.68
C VAL A 378 4.09 -15.60 15.65
N GLY A 379 5.28 -15.24 16.10
CA GLY A 379 6.44 -16.12 16.04
C GLY A 379 6.23 -17.42 16.78
N LYS A 380 5.76 -17.31 18.01
CA LYS A 380 5.49 -18.48 18.82
C LYS A 380 4.44 -19.37 18.18
N LYS A 381 3.36 -18.76 17.67
CA LYS A 381 2.25 -19.51 17.07
C LYS A 381 2.66 -20.28 15.78
N ARG A 382 3.39 -19.61 14.90
CA ARG A 382 3.92 -20.26 13.72
C ARG A 382 4.81 -21.44 14.09
N SER A 383 5.63 -21.26 15.11
CA SER A 383 6.54 -22.30 15.57
C SER A 383 5.78 -23.48 16.14
N LEU A 384 4.58 -23.19 16.65
CA LEU A 384 3.69 -24.20 17.19
C LEU A 384 2.93 -24.92 16.09
N ALA A 385 2.53 -24.17 15.08
CA ALA A 385 1.89 -24.77 13.91
C ALA A 385 2.83 -25.72 13.14
N LEU A 386 4.10 -25.34 12.98
CA LEU A 386 5.06 -26.18 12.28
C LEU A 386 5.35 -27.46 13.05
N ARG A 387 5.56 -27.36 14.36
CA ARG A 387 5.88 -28.57 15.12
C ARG A 387 4.72 -29.56 15.16
N GLU A 388 3.50 -29.04 15.34
CA GLU A 388 2.31 -29.88 15.28
C GLU A 388 2.09 -30.46 13.89
N PHE A 389 2.36 -29.65 12.86
CA PHE A 389 2.20 -30.11 11.49
C PHE A 389 3.12 -31.30 11.23
N SER A 390 4.35 -31.21 11.73
CA SER A 390 5.35 -32.25 11.53
C SER A 390 4.93 -33.54 12.25
N LEU A 391 4.39 -33.38 13.46
CA LEU A 391 4.05 -34.52 14.30
C LEU A 391 2.87 -35.30 13.74
N GLY A 392 2.00 -34.64 13.00
CA GLY A 392 0.80 -35.28 12.50
C GLY A 392 1.15 -36.05 11.25
N MET A 393 2.07 -35.49 10.47
CA MET A 393 2.59 -36.14 9.27
C MET A 393 3.38 -37.38 9.65
N GLU A 394 4.15 -37.28 10.74
CA GLU A 394 4.88 -38.42 11.22
C GLU A 394 3.94 -39.51 11.69
N ALA A 395 2.85 -39.10 12.33
CA ALA A 395 1.89 -40.06 12.84
C ALA A 395 1.21 -40.80 11.68
N LEU A 396 0.92 -40.08 10.59
CA LEU A 396 0.36 -40.72 9.40
C LEU A 396 1.38 -41.63 8.74
N GLU A 397 2.57 -41.10 8.50
CA GLU A 397 3.65 -41.89 7.89
C GLU A 397 4.03 -43.15 8.67
N ARG A 398 3.82 -43.15 9.97
CA ARG A 398 4.12 -44.35 10.76
C ARG A 398 3.02 -45.40 10.66
N PHE A 399 1.78 -44.97 10.77
CA PHE A 399 0.63 -45.86 10.66
C PHE A 399 0.61 -46.59 9.31
N VAL A 400 0.80 -45.81 8.26
CA VAL A 400 0.75 -46.30 6.89
C VAL A 400 1.91 -47.26 6.62
N ARG A 401 3.05 -47.03 7.27
CA ARG A 401 4.14 -48.02 7.17
C ARG A 401 4.11 -49.07 8.31
N ASN A 402 2.96 -49.17 8.96
CA ASN A 402 2.66 -50.28 9.85
C ASN A 402 3.54 -50.41 11.12
N GLU A 403 4.05 -49.27 11.60
CA GLU A 403 4.72 -49.22 12.87
C GLU A 403 3.68 -49.48 13.96
N PRO A 404 4.14 -49.88 15.17
CA PRO A 404 3.17 -50.19 16.23
C PRO A 404 2.54 -48.97 16.89
N LEU A 405 1.56 -49.22 17.74
CA LEU A 405 0.74 -48.17 18.36
C LEU A 405 1.55 -47.06 19.02
N TYR A 406 2.44 -47.42 19.94
CA TYR A 406 3.21 -46.42 20.68
C TYR A 406 3.99 -45.47 19.80
N ARG A 407 4.49 -45.97 18.67
CA ARG A 407 5.23 -45.14 17.74
C ARG A 407 4.33 -44.12 17.02
N VAL A 408 3.13 -44.55 16.65
CA VAL A 408 2.11 -43.64 16.15
C VAL A 408 1.65 -42.73 17.26
N HIS A 409 1.39 -43.32 18.42
CA HIS A 409 0.73 -42.57 19.49
C HIS A 409 1.60 -41.47 20.11
N GLU A 410 2.92 -41.65 20.04
CA GLU A 410 3.78 -40.64 20.64
C GLU A 410 3.70 -39.34 19.84
N CYS A 411 3.44 -39.47 18.54
CA CYS A 411 3.30 -38.32 17.67
C CYS A 411 1.98 -37.60 17.89
N VAL A 412 0.89 -38.37 18.01
CA VAL A 412 -0.45 -37.79 18.23
C VAL A 412 -0.52 -37.10 19.58
N PHE A 413 0.01 -37.76 20.61
CA PHE A 413 0.09 -37.21 21.96
C PHE A 413 0.94 -35.95 22.00
N GLY A 414 1.98 -35.93 21.15
CA GLY A 414 2.86 -34.77 21.01
C GLY A 414 2.08 -33.53 20.56
N VAL A 415 1.15 -33.73 19.61
CA VAL A 415 0.29 -32.65 19.16
C VAL A 415 -0.52 -32.09 20.30
N LEU A 416 -1.16 -32.97 21.06
CA LEU A 416 -1.91 -32.60 22.27
C LEU A 416 -1.11 -31.76 23.27
N ALA A 417 0.10 -32.23 23.55
CA ALA A 417 0.96 -31.57 24.52
C ALA A 417 1.33 -30.15 24.10
N LEU A 418 1.70 -29.96 22.84
CA LEU A 418 2.04 -28.63 22.35
C LEU A 418 0.83 -27.71 22.39
N GLU A 419 -0.37 -28.27 22.25
CA GLU A 419 -1.55 -27.42 22.28
C GLU A 419 -1.82 -26.88 23.67
N SER A 420 -1.27 -27.52 24.70
CA SER A 420 -1.42 -26.99 26.05
C SER A 420 -0.35 -25.95 26.37
N GLU A 421 0.39 -25.55 25.34
CA GLU A 421 1.37 -24.48 25.46
C GLU A 421 0.67 -23.13 25.38
N PRO A 422 1.05 -22.20 26.26
CA PRO A 422 0.46 -20.87 26.35
C PRO A 422 0.73 -20.01 25.12
N VAL A 423 -0.32 -19.63 24.41
CA VAL A 423 -0.16 -18.76 23.26
C VAL A 423 -1.38 -17.83 23.20
N ASP A 424 -1.23 -16.69 22.51
CA ASP A 424 -2.34 -15.75 22.30
C ASP A 424 -3.55 -16.47 21.72
N PRO A 425 -4.65 -16.52 22.49
CA PRO A 425 -5.86 -17.23 22.08
C PRO A 425 -6.53 -16.64 20.83
N ARG A 426 -6.22 -15.39 20.52
CA ARG A 426 -6.86 -14.72 19.39
C ARG A 426 -6.21 -15.12 18.09
N LEU A 427 -4.92 -15.51 18.16
CA LEU A 427 -4.16 -15.89 16.97
C LEU A 427 -4.69 -17.13 16.22
N MET B 1 -23.24 -0.29 33.52
CA MET B 1 -22.17 0.69 33.32
C MET B 1 -22.66 2.11 33.54
N ILE B 2 -23.93 2.26 33.91
CA ILE B 2 -24.50 3.58 34.14
C ILE B 2 -25.18 3.74 35.51
N LEU B 3 -24.81 4.81 36.21
CA LEU B 3 -25.50 5.27 37.40
C LEU B 3 -26.22 6.58 37.07
N THR B 4 -27.51 6.64 37.37
CA THR B 4 -28.19 7.91 37.31
C THR B 4 -28.77 8.25 38.68
N ILE B 5 -28.75 9.52 39.02
CA ILE B 5 -29.45 10.02 40.20
C ILE B 5 -30.38 11.15 39.77
N THR B 6 -31.57 11.16 40.36
CA THR B 6 -32.62 12.12 40.04
C THR B 6 -33.27 12.77 41.28
N TYR B 7 -33.42 14.10 41.19
CA TYR B 7 -33.96 14.94 42.25
C TYR B 7 -35.01 15.84 41.64
N THR B 8 -36.15 15.96 42.34
CA THR B 8 -37.27 16.73 41.78
C THR B 8 -37.83 17.84 42.67
N GLN B 9 -37.23 18.07 43.83
CA GLN B 9 -37.68 19.17 44.71
C GLN B 9 -37.30 20.53 44.14
N PRO B 10 -38.30 21.29 43.67
CA PRO B 10 -38.10 22.49 42.86
C PRO B 10 -37.50 23.60 43.69
N PRO B 11 -36.22 23.91 43.52
CA PRO B 11 -35.31 24.01 42.38
C PRO B 11 -34.43 22.79 42.23
N ALA B 12 -34.78 21.88 41.33
CA ALA B 12 -34.11 20.57 41.26
C ALA B 12 -32.63 20.65 40.91
N THR B 13 -32.24 21.76 40.27
CA THR B 13 -30.86 22.05 39.88
C THR B 13 -29.95 22.16 41.10
N ASP B 14 -30.57 22.23 42.28
CA ASP B 14 -29.85 22.15 43.55
C ASP B 14 -29.14 20.81 43.73
N LEU B 15 -29.59 19.79 43.01
CA LEU B 15 -28.87 18.52 43.00
C LEU B 15 -27.42 18.74 42.58
N GLY B 16 -27.19 19.67 41.65
CA GLY B 16 -25.85 20.01 41.21
C GLY B 16 -24.94 20.50 42.32
N TYR B 17 -25.47 21.35 43.18
CA TYR B 17 -24.69 21.90 44.30
C TYR B 17 -24.26 20.81 45.26
N LEU B 18 -25.15 19.86 45.51
CA LEU B 18 -24.83 18.76 46.42
C LEU B 18 -23.75 17.83 45.85
N LEU B 19 -23.63 17.78 44.52
CA LEU B 19 -22.71 16.86 43.85
C LEU B 19 -21.43 17.58 43.40
N HIS B 20 -21.52 18.90 43.31
CA HIS B 20 -20.47 19.78 42.77
C HIS B 20 -20.10 19.46 41.34
N LYS B 21 -21.06 19.19 40.49
CA LYS B 21 -20.74 19.16 39.09
C LYS B 21 -21.78 20.09 38.51
N ASN B 22 -21.32 21.23 38.04
CA ASN B 22 -22.22 22.19 37.45
C ASN B 22 -22.84 21.53 36.25
N PRO B 23 -24.16 21.51 36.19
CA PRO B 23 -24.90 20.79 35.15
C PRO B 23 -24.55 21.22 33.75
N SER B 24 -23.92 22.38 33.59
CA SER B 24 -23.61 22.86 32.26
C SER B 24 -22.17 22.53 31.91
N ARG B 25 -21.53 21.72 32.74
CA ARG B 25 -20.12 21.40 32.57
C ARG B 25 -19.79 19.91 32.61
N PRO B 26 -20.11 19.17 31.54
CA PRO B 26 -19.76 17.74 31.45
C PRO B 26 -18.27 17.52 31.65
N GLN B 27 -17.95 16.46 32.37
CA GLN B 27 -16.57 16.18 32.70
C GLN B 27 -16.16 14.73 32.50
N THR B 28 -14.86 14.55 32.30
CA THR B 28 -14.27 13.24 32.16
C THR B 28 -13.17 13.06 33.20
N PHE B 29 -13.20 11.93 33.90
CA PHE B 29 -12.20 11.56 34.88
C PHE B 29 -11.50 10.28 34.41
N GLU B 30 -10.19 10.14 34.66
CA GLU B 30 -9.45 8.97 34.22
C GLU B 30 -9.19 7.94 35.32
N LEU B 31 -9.64 6.71 35.10
CA LEU B 31 -9.44 5.61 36.05
C LEU B 31 -8.31 4.72 35.58
N ASN B 32 -8.05 3.67 36.37
CA ASN B 32 -7.29 2.53 35.89
C ASN B 32 -8.19 1.71 34.99
N HIS B 33 -7.68 1.37 33.82
CA HIS B 33 -8.36 0.53 32.84
C HIS B 33 -9.51 1.25 32.14
N GLY B 34 -9.52 2.56 32.23
CA GLY B 34 -10.48 3.34 31.48
C GLY B 34 -10.65 4.78 31.92
N LYS B 35 -11.88 5.26 31.84
CA LYS B 35 -12.23 6.59 32.30
C LYS B 35 -13.74 6.76 32.50
N ALA B 36 -14.13 7.85 33.14
CA ALA B 36 -15.52 8.02 33.57
C ALA B 36 -16.02 9.42 33.18
N HIS B 37 -17.25 9.48 32.68
CA HIS B 37 -17.85 10.74 32.27
C HIS B 37 -19.03 11.05 33.17
N ILE B 38 -19.12 12.32 33.58
CA ILE B 38 -20.25 12.80 34.37
C ILE B 38 -20.88 13.97 33.63
N PHE B 39 -22.19 13.92 33.49
CA PHE B 39 -22.92 14.95 32.75
C PHE B 39 -24.37 14.90 33.22
N TYR B 40 -25.13 15.95 32.93
CA TYR B 40 -26.50 16.05 33.40
C TYR B 40 -27.47 16.00 32.22
N PRO B 41 -28.06 14.83 31.97
CA PRO B 41 -29.00 14.71 30.85
C PRO B 41 -30.13 15.72 30.97
N GLU B 42 -30.51 16.06 32.21
CA GLU B 42 -31.57 17.04 32.46
C GLU B 42 -31.26 17.88 33.70
N ALA B 43 -31.32 19.20 33.54
CA ALA B 43 -31.26 20.09 34.68
C ALA B 43 -32.23 21.26 34.53
N THR B 44 -33.45 21.06 35.01
CA THR B 44 -34.43 22.12 35.14
C THR B 44 -34.81 22.26 36.62
N SER B 45 -35.61 23.27 36.92
CA SER B 45 -35.96 23.54 38.31
C SER B 45 -36.87 22.47 38.86
N GLU B 46 -37.63 21.82 37.97
CA GLU B 46 -38.56 20.78 38.38
C GLU B 46 -37.95 19.36 38.32
N ARG B 47 -36.86 19.21 37.59
CA ARG B 47 -36.25 17.90 37.42
C ARG B 47 -34.76 17.97 37.10
N CYS B 48 -33.97 17.26 37.90
CA CYS B 48 -32.52 17.25 37.67
C CYS B 48 -31.93 15.83 37.76
N THR B 49 -31.22 15.41 36.72
CA THR B 49 -30.65 14.06 36.71
C THR B 49 -29.16 14.05 36.40
N VAL B 50 -28.38 13.41 37.26
CA VAL B 50 -26.95 13.28 36.96
C VAL B 50 -26.70 11.90 36.33
N ALA B 51 -25.69 11.83 35.46
CA ALA B 51 -25.32 10.56 34.80
C ALA B 51 -23.84 10.28 34.91
N LEU B 52 -23.55 9.09 35.41
CA LEU B 52 -22.19 8.60 35.55
C LEU B 52 -21.98 7.45 34.55
N LEU B 53 -21.08 7.66 33.59
CA LEU B 53 -20.90 6.77 32.44
C LEU B 53 -19.50 6.19 32.37
N LEU B 54 -19.35 4.90 32.65
CA LEU B 54 -18.04 4.25 32.55
C LEU B 54 -17.51 4.16 31.11
N ASP B 55 -16.23 4.40 30.90
CA ASP B 55 -15.64 4.23 29.55
C ASP B 55 -14.42 3.35 29.71
N ILE B 56 -14.66 2.06 29.91
CA ILE B 56 -13.61 1.09 30.16
C ILE B 56 -12.93 0.63 28.84
N ASP B 57 -11.61 0.53 28.90
CA ASP B 57 -10.79 0.18 27.76
C ASP B 57 -10.61 -1.34 27.73
N PRO B 58 -11.14 -2.00 26.70
CA PRO B 58 -11.08 -3.47 26.68
C PRO B 58 -9.64 -3.99 26.59
N ILE B 59 -8.79 -3.29 25.84
CA ILE B 59 -7.40 -3.71 25.63
C ILE B 59 -6.52 -3.63 26.88
N ASP B 60 -6.72 -2.63 27.73
CA ASP B 60 -6.03 -2.56 29.03
C ASP B 60 -6.11 -3.93 29.74
N LEU B 61 -4.99 -4.65 29.68
CA LEU B 61 -4.91 -6.00 30.23
C LEU B 61 -3.49 -6.38 30.63
N GLY B 73 -7.20 -17.82 28.14
CA GLY B 73 -8.52 -18.02 27.58
C GLY B 73 -8.93 -16.91 26.61
N LEU B 74 -9.81 -17.24 25.69
CA LEU B 74 -10.24 -16.28 24.70
C LEU B 74 -11.05 -15.17 25.37
N PHE B 75 -11.74 -15.52 26.45
CA PHE B 75 -12.70 -14.61 27.07
C PHE B 75 -12.06 -13.77 28.17
N ASP B 76 -10.75 -13.62 28.09
CA ASP B 76 -10.04 -12.60 28.84
C ASP B 76 -9.83 -11.41 27.93
N TYR B 77 -10.42 -11.47 26.73
CA TYR B 77 -10.34 -10.33 25.81
C TYR B 77 -11.73 -9.97 25.35
N VAL B 78 -12.61 -10.96 25.43
CA VAL B 78 -14.01 -10.80 25.11
C VAL B 78 -14.92 -11.03 26.34
N ASN B 79 -15.03 -10.01 27.18
CA ASN B 79 -15.79 -10.10 28.44
C ASN B 79 -16.77 -8.96 28.66
N ASP B 80 -17.65 -9.14 29.64
CA ASP B 80 -18.65 -8.13 29.95
C ASP B 80 -18.18 -6.95 30.80
N ARG B 81 -16.88 -6.87 31.07
CA ARG B 81 -16.35 -5.84 31.97
C ARG B 81 -16.66 -4.39 31.60
N PRO B 82 -16.55 -4.04 30.30
CA PRO B 82 -16.73 -2.61 30.00
C PRO B 82 -18.18 -2.16 30.02
N TYR B 83 -19.12 -3.07 30.32
CA TYR B 83 -20.54 -2.82 30.13
C TYR B 83 -21.36 -3.11 31.38
N VAL B 84 -20.70 -3.48 32.46
CA VAL B 84 -21.40 -3.79 33.71
C VAL B 84 -21.07 -2.80 34.82
N SER B 85 -21.95 -2.68 35.80
CA SER B 85 -21.65 -1.86 36.99
C SER B 85 -20.83 -2.70 37.99
N SER B 86 -19.55 -2.82 37.71
CA SER B 86 -18.63 -3.61 38.50
C SER B 86 -18.06 -2.77 39.62
N SER B 87 -16.92 -3.19 40.13
CA SER B 87 -16.24 -2.42 41.17
C SER B 87 -15.64 -1.14 40.60
N PHE B 88 -15.49 -1.10 39.29
CA PHE B 88 -15.03 0.13 38.65
C PHE B 88 -16.04 1.29 38.81
N MET B 89 -17.31 0.96 38.98
CA MET B 89 -18.36 1.95 39.26
C MET B 89 -18.11 2.64 40.61
N SER B 90 -17.91 1.86 41.67
CA SER B 90 -17.57 2.43 42.97
C SER B 90 -16.39 3.38 42.87
N VAL B 91 -15.32 2.91 42.24
CA VAL B 91 -14.12 3.70 42.08
C VAL B 91 -14.38 5.01 41.35
N ALA B 92 -15.26 4.98 40.35
CA ALA B 92 -15.67 6.22 39.68
C ALA B 92 -16.49 7.15 40.61
N ILE B 93 -17.35 6.57 41.43
CA ILE B 93 -18.17 7.34 42.35
C ILE B 93 -17.29 8.17 43.30
N SER B 94 -16.32 7.50 43.93
CA SER B 94 -15.42 8.13 44.87
C SER B 94 -14.49 9.16 44.21
N ARG B 95 -14.50 9.15 42.88
CA ARG B 95 -13.61 9.99 42.09
C ARG B 95 -14.32 11.24 41.49
N VAL B 96 -15.61 11.14 41.20
CA VAL B 96 -16.34 12.26 40.63
C VAL B 96 -17.19 12.98 41.70
N PHE B 97 -17.76 12.23 42.63
CA PHE B 97 -18.58 12.76 43.72
C PHE B 97 -17.76 12.57 44.98
N GLY B 98 -16.54 13.08 44.95
CA GLY B 98 -15.57 12.77 45.98
C GLY B 98 -16.01 13.26 47.33
N THR B 99 -16.21 14.57 47.41
CA THR B 99 -16.59 15.21 48.64
C THR B 99 -18.04 14.95 49.02
N ALA B 100 -18.94 14.99 48.05
CA ALA B 100 -20.36 14.75 48.32
C ALA B 100 -20.64 13.57 49.26
N MET B 101 -19.72 12.61 49.29
CA MET B 101 -19.77 11.49 50.25
C MET B 101 -19.24 11.85 51.64
N SER B 102 -18.75 13.08 51.78
CA SER B 102 -18.31 13.54 53.09
C SER B 102 -19.31 14.55 53.65
N GLY B 103 -20.53 14.54 53.10
CA GLY B 103 -21.61 15.40 53.56
C GLY B 103 -21.39 16.88 53.32
N LYS B 104 -20.19 17.24 52.91
CA LYS B 104 -19.83 18.64 52.74
C LYS B 104 -20.57 19.29 51.58
N CYS B 105 -21.46 20.22 51.91
CA CYS B 105 -22.02 21.12 50.91
C CYS B 105 -22.00 22.56 51.41
N LYS B 106 -21.89 23.48 50.46
CA LYS B 106 -21.53 24.87 50.70
C LYS B 106 -22.72 25.78 50.44
N GLU B 107 -23.11 25.87 49.18
CA GLU B 107 -24.18 26.75 48.77
C GLU B 107 -25.56 26.23 49.23
N LYS B 108 -25.61 24.96 49.67
CA LYS B 108 -26.82 24.40 50.29
C LYS B 108 -26.51 23.39 51.41
N PRO B 109 -26.00 23.90 52.56
CA PRO B 109 -25.46 23.07 53.66
C PRO B 109 -26.49 22.24 54.41
N GLU B 110 -27.77 22.53 54.21
CA GLU B 110 -28.85 21.88 54.97
C GLU B 110 -29.53 20.88 54.11
N LEU B 111 -29.58 21.18 52.83
CA LEU B 111 -30.01 20.20 51.84
C LEU B 111 -29.11 18.97 52.03
N ALA B 112 -27.81 19.21 52.15
CA ALA B 112 -26.84 18.15 52.45
C ALA B 112 -27.02 17.58 53.84
N ALA B 113 -27.92 18.16 54.62
CA ALA B 113 -28.04 17.77 56.02
C ALA B 113 -29.18 16.79 56.30
N ILE B 114 -30.23 16.88 55.49
CA ILE B 114 -31.42 16.09 55.77
C ILE B 114 -31.68 15.05 54.69
N LYS B 115 -32.58 14.12 54.98
CA LYS B 115 -33.02 13.16 53.98
C LYS B 115 -33.74 13.86 52.84
N LEU B 116 -33.24 13.68 51.62
CA LEU B 116 -33.90 14.24 50.45
C LEU B 116 -34.67 13.13 49.80
N PRO B 117 -35.79 13.48 49.14
CA PRO B 117 -36.43 12.43 48.35
C PRO B 117 -35.60 12.16 47.11
N LEU B 118 -35.11 10.93 46.96
CA LEU B 118 -34.16 10.63 45.88
C LEU B 118 -34.47 9.35 45.09
N LYS B 119 -34.04 9.34 43.83
CA LYS B 119 -34.09 8.15 42.99
C LYS B 119 -32.76 7.89 42.32
N ALA B 120 -32.42 6.61 42.19
CA ALA B 120 -31.17 6.18 41.60
C ALA B 120 -31.39 4.97 40.66
N LYS B 121 -30.47 4.78 39.72
CA LYS B 121 -30.55 3.62 38.84
C LYS B 121 -29.16 3.12 38.56
N ILE B 122 -28.92 1.85 38.90
CA ILE B 122 -27.66 1.19 38.58
C ILE B 122 -27.94 0.14 37.49
N MET B 123 -27.35 0.35 36.32
CA MET B 123 -27.55 -0.62 35.23
C MET B 123 -26.57 -1.75 35.24
N MET B 124 -27.09 -2.94 34.93
CA MET B 124 -26.26 -4.07 34.54
C MET B 124 -25.34 -4.48 35.66
N LEU B 125 -25.99 -4.73 36.78
CA LEU B 125 -25.39 -5.32 37.96
C LEU B 125 -25.31 -6.83 37.77
N PRO B 126 -24.09 -7.37 37.74
CA PRO B 126 -23.94 -8.82 37.59
C PRO B 126 -24.07 -9.49 38.95
N CYS B 127 -25.20 -10.13 39.22
CA CYS B 127 -25.40 -10.73 40.54
C CYS B 127 -25.68 -12.20 40.43
N LYS B 128 -24.73 -13.02 40.88
CA LYS B 128 -24.92 -14.46 40.98
C LYS B 128 -26.15 -14.80 41.82
N GLY B 129 -26.40 -13.98 42.86
CA GLY B 129 -27.46 -14.22 43.82
C GLY B 129 -28.84 -13.73 43.41
N GLY B 130 -28.90 -13.00 42.31
CA GLY B 130 -30.15 -12.62 41.70
C GLY B 130 -30.91 -11.52 42.41
N GLU B 131 -32.22 -11.47 42.17
CA GLU B 131 -33.11 -10.49 42.79
C GLU B 131 -32.95 -10.47 44.29
N GLU B 132 -33.05 -11.65 44.90
CA GLU B 132 -33.10 -11.79 46.36
C GLU B 132 -31.92 -11.15 47.10
N ILE B 133 -30.74 -11.20 46.51
CA ILE B 133 -29.60 -10.63 47.20
C ILE B 133 -29.59 -9.11 47.07
N ILE B 134 -30.32 -8.59 46.09
CA ILE B 134 -30.34 -7.16 45.79
C ILE B 134 -31.27 -6.48 46.79
N TYR B 135 -32.39 -7.14 47.07
CA TYR B 135 -33.34 -6.66 48.07
C TYR B 135 -32.72 -6.71 49.46
N ARG B 136 -32.14 -7.86 49.78
CA ARG B 136 -31.53 -8.10 51.08
C ARG B 136 -30.47 -7.07 51.38
N LEU B 137 -29.92 -6.44 50.35
CA LEU B 137 -28.88 -5.48 50.60
C LEU B 137 -29.45 -4.08 50.67
N PHE B 138 -30.53 -3.85 49.94
CA PHE B 138 -31.04 -2.49 49.80
C PHE B 138 -32.27 -2.13 50.61
N GLU B 139 -33.18 -3.08 50.84
CA GLU B 139 -34.39 -2.72 51.57
C GLU B 139 -34.20 -2.35 53.06
N PRO B 140 -33.29 -3.05 53.79
CA PRO B 140 -32.96 -2.61 55.14
C PRO B 140 -32.50 -1.16 55.24
N LEU B 141 -32.01 -0.60 54.12
CA LEU B 141 -31.52 0.77 54.13
C LEU B 141 -32.61 1.80 53.83
N GLY B 142 -33.85 1.33 53.76
CA GLY B 142 -35.01 2.20 53.57
C GLY B 142 -35.36 2.49 52.13
N TYR B 143 -34.92 1.64 51.22
CA TYR B 143 -35.23 1.88 49.82
C TYR B 143 -36.45 1.10 49.38
N LYS B 144 -37.20 1.70 48.48
CA LYS B 144 -38.13 0.90 47.73
C LYS B 144 -37.33 0.45 46.50
N VAL B 145 -37.27 -0.84 46.28
CA VAL B 145 -36.34 -1.37 45.30
C VAL B 145 -37.09 -2.03 44.16
N ASP B 146 -36.78 -1.61 42.95
CA ASP B 146 -37.31 -2.26 41.76
C ASP B 146 -36.17 -2.82 40.92
N VAL B 147 -36.37 -4.07 40.49
CA VAL B 147 -35.35 -4.85 39.79
C VAL B 147 -35.85 -5.32 38.45
N GLU B 148 -35.07 -5.09 37.41
CA GLU B 148 -35.43 -5.61 36.09
C GLU B 148 -34.32 -6.50 35.54
N GLY B 149 -34.74 -7.62 34.97
CA GLY B 149 -33.81 -8.61 34.47
C GLY B 149 -33.78 -8.63 32.97
N TYR B 150 -32.83 -9.38 32.42
CA TYR B 150 -32.66 -9.48 30.99
C TYR B 150 -32.47 -10.92 30.56
N MET B 151 -33.02 -11.25 29.39
CA MET B 151 -32.73 -12.51 28.71
C MET B 151 -31.41 -12.35 27.97
N LEU B 152 -30.61 -13.41 27.89
CA LEU B 152 -29.29 -13.34 27.22
C LEU B 152 -29.38 -12.93 25.76
N ASP B 153 -30.43 -13.39 25.09
CA ASP B 153 -30.63 -13.07 23.68
C ASP B 153 -32.07 -13.36 23.30
N GLU B 154 -32.84 -12.29 23.11
CA GLU B 154 -34.27 -12.37 22.83
C GLU B 154 -34.59 -13.14 21.55
N LYS B 155 -33.62 -13.25 20.67
CA LYS B 155 -33.79 -14.10 19.51
C LYS B 155 -33.88 -15.55 19.98
N PHE B 156 -33.16 -15.89 21.05
CA PHE B 156 -33.00 -17.26 21.51
C PHE B 156 -33.41 -17.51 22.95
N PRO B 157 -34.73 -17.49 23.22
CA PRO B 157 -35.28 -17.62 24.58
C PRO B 157 -34.85 -18.92 25.26
N GLU B 158 -34.40 -19.87 24.44
CA GLU B 158 -34.00 -21.16 24.95
C GLU B 158 -32.66 -21.09 25.69
N TRP B 159 -31.93 -20.00 25.54
CA TRP B 159 -30.71 -19.82 26.33
C TRP B 159 -31.06 -19.36 27.77
N GLY B 160 -32.22 -18.72 27.95
CA GLY B 160 -32.67 -18.28 29.27
C GLY B 160 -32.08 -17.00 29.82
N LYS B 161 -32.33 -16.76 31.11
CA LYS B 161 -31.98 -15.51 31.80
C LYS B 161 -30.48 -15.21 31.88
N SER B 162 -30.14 -13.94 31.79
CA SER B 162 -28.79 -13.52 32.12
C SER B 162 -28.80 -13.36 33.63
N ARG B 163 -27.61 -13.17 34.22
CA ARG B 163 -27.52 -12.77 35.63
C ARG B 163 -27.15 -11.29 35.75
N TYR B 164 -27.63 -10.50 34.78
CA TYR B 164 -27.64 -9.04 34.87
C TYR B 164 -28.98 -8.50 35.37
N TYR B 165 -28.90 -7.47 36.18
CA TYR B 165 -30.09 -6.85 36.73
C TYR B 165 -29.87 -5.35 36.77
N THR B 166 -30.89 -4.62 36.37
CA THR B 166 -30.86 -3.19 36.57
C THR B 166 -31.73 -2.76 37.77
N VAL B 167 -31.10 -2.09 38.71
CA VAL B 167 -31.68 -1.82 39.98
C VAL B 167 -32.10 -0.36 40.07
N SER B 168 -33.35 -0.14 40.43
CA SER B 168 -33.83 1.20 40.68
C SER B 168 -34.11 1.41 42.16
N LEU B 169 -33.55 2.48 42.71
CA LEU B 169 -33.79 2.86 44.11
C LEU B 169 -34.61 4.14 44.26
N GLU B 170 -35.66 4.05 45.06
CA GLU B 170 -36.47 5.20 45.43
C GLU B 170 -36.49 5.29 46.96
N GLY B 171 -36.02 6.38 47.52
CA GLY B 171 -36.09 6.53 48.96
C GLY B 171 -35.80 7.94 49.42
N GLU B 172 -36.15 8.25 50.68
CA GLU B 172 -35.75 9.52 51.31
C GLU B 172 -34.54 9.34 52.22
N VAL B 173 -33.43 9.95 51.83
CA VAL B 173 -32.12 9.70 52.45
C VAL B 173 -31.19 10.87 52.20
N ARG B 174 -30.09 10.95 52.96
CA ARG B 174 -29.08 11.99 52.73
C ARG B 174 -28.28 11.61 51.51
N VAL B 175 -27.86 12.61 50.74
CA VAL B 175 -27.12 12.37 49.51
C VAL B 175 -25.88 11.54 49.77
N ARG B 176 -25.23 11.76 50.91
CA ARG B 176 -23.99 11.08 51.20
C ARG B 176 -24.25 9.62 51.55
N ASP B 177 -25.42 9.33 52.08
CA ASP B 177 -25.74 7.95 52.41
C ASP B 177 -25.96 7.19 51.13
N LEU B 178 -26.72 7.81 50.23
CA LEU B 178 -26.99 7.23 48.93
C LEU B 178 -25.70 6.84 48.22
N LEU B 179 -24.77 7.79 48.10
CA LEU B 179 -23.49 7.53 47.45
C LEU B 179 -22.68 6.48 48.19
N ASN B 180 -22.72 6.51 49.52
CA ASN B 180 -21.98 5.56 50.33
C ASN B 180 -22.64 4.19 50.32
N HIS B 181 -23.95 4.17 50.18
CA HIS B 181 -24.62 2.88 50.10
C HIS B 181 -24.17 2.17 48.84
N ILE B 182 -24.24 2.89 47.74
CA ILE B 182 -23.99 2.33 46.42
C ILE B 182 -22.53 1.97 46.32
N TYR B 183 -21.67 2.81 46.91
CA TYR B 183 -20.25 2.58 46.81
C TYR B 183 -19.87 1.27 47.47
N VAL B 184 -20.40 1.02 48.66
CA VAL B 184 -20.08 -0.21 49.39
C VAL B 184 -20.78 -1.44 48.82
N LEU B 185 -22.06 -1.29 48.48
CA LEU B 185 -22.91 -2.44 48.14
C LEU B 185 -22.71 -3.04 46.76
N ILE B 186 -22.24 -2.22 45.82
CA ILE B 186 -21.97 -2.67 44.44
C ILE B 186 -20.89 -3.77 44.31
N PRO B 187 -19.72 -3.59 44.93
CA PRO B 187 -18.72 -4.66 44.88
C PRO B 187 -19.05 -5.91 45.71
N VAL B 188 -20.15 -5.91 46.43
CA VAL B 188 -20.56 -7.10 47.19
C VAL B 188 -21.27 -8.04 46.25
N LEU B 189 -21.88 -7.48 45.20
CA LEU B 189 -22.61 -8.25 44.20
C LEU B 189 -21.70 -8.75 43.10
N ASP B 190 -20.61 -8.02 42.88
CA ASP B 190 -19.59 -8.37 41.90
C ASP B 190 -18.71 -9.55 42.36
N SER B 191 -19.19 -10.77 42.14
CA SER B 191 -18.51 -11.98 42.61
C SER B 191 -17.08 -12.16 42.09
N GLU B 192 -16.81 -11.69 40.88
CA GLU B 192 -15.51 -11.93 40.26
C GLU B 192 -14.62 -10.68 40.17
N LYS B 193 -14.77 -9.78 41.14
CA LYS B 193 -13.89 -8.62 41.20
C LYS B 193 -12.44 -9.06 41.44
N HIS B 194 -12.28 -10.19 42.14
CA HIS B 194 -10.96 -10.80 42.40
C HIS B 194 -10.19 -11.08 41.11
N TYR B 195 -10.93 -11.42 40.06
CA TYR B 195 -10.40 -11.67 38.72
C TYR B 195 -9.73 -10.42 38.17
N TRP B 196 -10.37 -9.27 38.40
CA TRP B 196 -10.03 -8.01 37.72
C TRP B 196 -9.41 -6.92 38.59
N ASP B 203 -10.94 3.39 49.27
CA ASP B 203 -11.26 2.00 48.99
C ASP B 203 -11.48 1.23 50.29
N LYS B 204 -11.07 1.83 51.42
CA LYS B 204 -11.21 1.20 52.74
C LYS B 204 -12.65 1.24 53.24
N LEU B 205 -13.10 0.14 53.84
CA LEU B 205 -14.53 -0.05 54.11
C LEU B 205 -15.15 0.90 55.11
N PHE B 206 -14.87 0.67 56.40
CA PHE B 206 -15.63 1.28 57.49
C PHE B 206 -15.69 2.81 57.45
N GLN B 207 -14.78 3.44 56.71
CA GLN B 207 -14.84 4.89 56.51
C GLN B 207 -16.03 5.26 55.63
N HIS B 208 -16.62 4.25 54.99
CA HIS B 208 -17.72 4.44 54.05
C HIS B 208 -19.05 3.93 54.58
N GLY B 209 -19.01 3.05 55.56
CA GLY B 209 -20.20 2.46 56.12
C GLY B 209 -20.68 3.09 57.41
N GLU B 210 -20.10 4.23 57.76
CA GLU B 210 -20.42 4.92 59.02
C GLU B 210 -21.86 5.36 59.08
N GLY B 211 -22.57 4.85 60.10
CA GLY B 211 -23.96 5.21 60.34
C GLY B 211 -24.94 4.08 60.09
N TRP B 212 -24.63 3.22 59.12
CA TRP B 212 -25.61 2.26 58.61
C TRP B 212 -25.10 0.82 58.62
N LEU B 213 -23.81 0.64 58.40
CA LEU B 213 -23.24 -0.70 58.17
C LEU B 213 -23.37 -1.63 59.38
N VAL B 214 -22.90 -1.18 60.54
CA VAL B 214 -22.98 -1.95 61.78
C VAL B 214 -24.38 -2.51 62.03
N ASP B 215 -25.40 -1.76 61.64
CA ASP B 215 -26.76 -2.13 61.98
C ASP B 215 -27.42 -2.93 60.88
N HIS B 216 -26.73 -3.06 59.74
CA HIS B 216 -27.30 -3.76 58.59
C HIS B 216 -27.36 -5.26 58.87
N PRO B 217 -28.51 -5.89 58.59
CA PRO B 217 -28.68 -7.34 58.79
C PRO B 217 -27.62 -8.19 58.07
N GLU B 218 -27.17 -7.78 56.88
CA GLU B 218 -26.22 -8.60 56.10
C GLU B 218 -24.77 -8.13 56.28
N LYS B 219 -24.48 -7.49 57.41
CA LYS B 219 -23.15 -6.87 57.56
C LYS B 219 -21.99 -7.87 57.56
N GLU B 220 -22.23 -9.08 58.05
CA GLU B 220 -21.19 -10.09 58.01
C GLU B 220 -20.89 -10.37 56.54
N LEU B 221 -21.96 -10.65 55.80
CA LEU B 221 -21.91 -10.87 54.34
C LEU B 221 -21.30 -9.71 53.54
N ILE B 222 -21.55 -8.48 53.99
CA ILE B 222 -21.02 -7.29 53.33
C ILE B 222 -19.53 -7.12 53.60
N THR B 223 -19.08 -7.59 54.77
CA THR B 223 -17.67 -7.51 55.15
C THR B 223 -16.89 -8.74 54.72
N LEU C 9 -2.74 30.39 -46.89
CA LEU C 9 -2.67 29.43 -47.99
C LEU C 9 -3.93 28.54 -48.03
N GLY C 10 -3.79 27.32 -47.52
CA GLY C 10 -4.77 26.27 -47.66
C GLY C 10 -4.01 24.96 -47.51
N LYS C 11 -4.48 23.91 -48.17
CA LYS C 11 -3.76 22.63 -48.12
C LYS C 11 -2.83 22.46 -49.32
N LYS C 12 -1.61 22.02 -49.03
CA LYS C 12 -0.64 21.67 -50.07
C LYS C 12 -0.63 20.14 -50.24
N ILE C 13 -0.85 19.70 -51.47
CA ILE C 13 -0.85 18.28 -51.82
C ILE C 13 0.44 17.94 -52.56
N ILE C 14 1.23 17.04 -52.00
CA ILE C 14 2.51 16.71 -52.60
C ILE C 14 2.49 15.28 -53.12
N THR C 15 3.10 15.09 -54.28
CA THR C 15 3.12 13.79 -54.90
C THR C 15 4.55 13.27 -54.81
N THR C 16 4.69 12.04 -54.33
CA THR C 16 5.99 11.39 -54.25
C THR C 16 5.95 10.00 -54.88
N ARG C 17 7.12 9.51 -55.28
CA ARG C 17 7.25 8.18 -55.85
C ARG C 17 6.79 7.08 -54.86
N LEU C 18 6.95 7.34 -53.56
CA LEU C 18 6.65 6.31 -52.55
C LEU C 18 5.25 6.40 -51.96
N MET C 19 4.68 7.61 -51.97
CA MET C 19 3.29 7.85 -51.56
C MET C 19 2.69 8.90 -52.46
N SER C 20 1.74 8.50 -53.31
CA SER C 20 1.25 9.46 -54.31
C SER C 20 0.53 10.67 -53.71
N SER C 21 -0.05 10.50 -52.53
CA SER C 21 -0.76 11.60 -51.89
C SER C 21 -0.27 11.85 -50.45
N ILE C 22 0.32 13.02 -50.26
CA ILE C 22 0.78 13.47 -48.95
C ILE C 22 0.25 14.88 -48.72
N THR C 23 -0.53 15.05 -47.66
CA THR C 23 -1.21 16.32 -47.42
C THR C 23 -0.48 17.17 -46.40
N ILE C 24 -0.19 18.41 -46.78
CA ILE C 24 0.33 19.41 -45.84
C ILE C 24 -0.76 20.42 -45.40
N HIS C 25 -1.30 20.23 -44.20
CA HIS C 25 -2.34 21.12 -43.66
C HIS C 25 -1.86 22.53 -43.33
N GLU C 26 -2.74 23.51 -43.58
CA GLU C 26 -2.41 24.95 -43.50
C GLU C 26 -1.63 25.33 -42.24
N GLU C 27 -2.13 24.89 -41.09
CA GLU C 27 -1.51 25.21 -39.83
C GLU C 27 -0.11 24.62 -39.62
N ASN C 28 0.16 23.46 -40.23
CA ASN C 28 1.50 22.91 -40.30
C ASN C 28 2.33 23.72 -41.31
N SER C 29 1.70 24.05 -42.44
CA SER C 29 2.32 24.93 -43.43
C SER C 29 2.77 26.26 -42.80
N ILE C 30 1.88 26.93 -42.06
CA ILE C 30 2.26 28.21 -41.44
C ILE C 30 3.40 28.02 -40.43
N ALA C 31 3.20 27.10 -39.50
CA ALA C 31 4.19 26.78 -38.47
C ALA C 31 5.58 26.49 -39.04
N ALA C 32 5.64 26.09 -40.30
CA ALA C 32 6.91 25.77 -40.92
C ALA C 32 7.50 27.01 -41.57
N LEU C 33 6.63 27.78 -42.21
CA LEU C 33 7.01 29.02 -42.88
C LEU C 33 7.75 29.90 -41.88
N GLU C 34 7.21 29.98 -40.66
CA GLU C 34 7.83 30.73 -39.59
C GLU C 34 9.30 30.38 -39.38
N VAL C 35 9.59 29.08 -39.32
CA VAL C 35 10.92 28.63 -38.96
C VAL C 35 11.81 28.38 -40.17
N MET C 36 11.22 28.32 -41.36
CA MET C 36 12.01 28.20 -42.59
C MET C 36 12.49 29.57 -43.07
N SER C 37 11.64 30.58 -42.89
CA SER C 37 11.94 31.91 -43.41
C SER C 37 12.90 32.69 -42.51
N ARG C 38 12.76 32.51 -41.20
CA ARG C 38 13.53 33.32 -40.28
C ARG C 38 14.97 32.82 -40.04
N PHE C 39 15.11 31.57 -39.59
CA PHE C 39 16.42 31.00 -39.29
C PHE C 39 16.68 29.71 -40.06
N ALA C 40 17.12 29.83 -41.31
CA ALA C 40 17.48 28.66 -42.08
C ALA C 40 18.56 28.99 -43.11
N ALA C 41 19.26 27.96 -43.57
CA ALA C 41 20.37 28.18 -44.50
C ALA C 41 19.84 28.50 -45.89
N ASP C 42 20.77 28.88 -46.77
CA ASP C 42 20.47 29.12 -48.18
C ASP C 42 19.62 27.98 -48.75
N PRO C 43 18.37 28.29 -49.16
CA PRO C 43 17.38 27.31 -49.64
C PRO C 43 17.86 26.52 -50.83
N HIS C 44 18.93 26.99 -51.47
CA HIS C 44 19.60 26.28 -52.56
C HIS C 44 20.29 25.00 -52.11
N TRP C 45 20.84 25.01 -50.90
CA TRP C 45 21.51 23.85 -50.30
C TRP C 45 20.52 22.81 -49.79
N LEU C 46 19.32 23.24 -49.43
CA LEU C 46 18.35 22.35 -48.80
C LEU C 46 17.66 21.43 -49.80
N ILE C 47 18.38 20.38 -50.19
CA ILE C 47 17.88 19.40 -51.14
C ILE C 47 17.34 18.18 -50.42
N TYR C 48 17.46 18.19 -49.09
CA TYR C 48 17.06 17.06 -48.27
C TYR C 48 16.94 17.48 -46.83
N LEU C 49 15.88 17.04 -46.17
CA LEU C 49 15.81 17.02 -44.71
C LEU C 49 15.43 15.61 -44.26
N PRO C 50 16.19 15.07 -43.29
CA PRO C 50 16.02 13.76 -42.65
C PRO C 50 14.65 13.59 -42.01
N PRO C 51 14.14 12.35 -41.94
CA PRO C 51 12.83 12.16 -41.30
C PRO C 51 12.98 11.86 -39.83
N THR C 52 11.89 11.98 -39.09
CA THR C 52 11.85 11.52 -37.72
C THR C 52 11.79 10.00 -37.80
N MET C 53 12.17 9.33 -36.72
CA MET C 53 12.33 7.90 -36.73
C MET C 53 11.44 7.32 -35.64
N SER C 54 10.79 6.20 -35.93
CA SER C 54 9.93 5.56 -34.93
C SER C 54 10.71 4.65 -33.96
N PRO C 55 10.18 4.45 -32.76
CA PRO C 55 10.81 3.48 -31.87
C PRO C 55 10.14 2.12 -32.03
N CYS C 56 10.63 1.13 -31.32
CA CYS C 56 10.01 -0.18 -31.38
C CYS C 56 8.74 -0.20 -30.54
N GLU C 57 8.02 -1.31 -30.58
CA GLU C 57 6.97 -1.58 -29.62
C GLU C 57 7.66 -1.71 -28.26
N THR C 58 6.90 -1.56 -27.18
CA THR C 58 7.54 -1.61 -25.87
C THR C 58 7.82 -3.06 -25.51
N SER C 59 8.87 -3.27 -24.72
CA SER C 59 9.25 -4.61 -24.26
C SER C 59 8.40 -5.03 -23.06
N LYS C 60 8.54 -6.31 -22.68
CA LYS C 60 7.89 -6.81 -21.48
C LYS C 60 8.88 -7.49 -20.53
N LYS C 61 10.13 -7.63 -20.99
CA LYS C 61 11.22 -8.01 -20.11
C LYS C 61 11.31 -7.09 -18.90
N GLU C 62 11.67 -7.66 -17.76
CA GLU C 62 11.77 -6.93 -16.51
C GLU C 62 12.67 -5.70 -16.57
N GLY C 63 12.14 -4.58 -16.12
CA GLY C 63 12.91 -3.34 -16.05
C GLY C 63 13.17 -2.69 -17.39
N MET C 64 12.60 -3.28 -18.46
CA MET C 64 12.86 -2.86 -19.85
C MET C 64 11.63 -2.23 -20.49
N LEU C 65 11.83 -1.09 -21.14
CA LEU C 65 10.76 -0.46 -21.88
C LEU C 65 10.97 -0.71 -23.38
N GLU C 66 12.21 -0.54 -23.82
CA GLU C 66 12.63 -0.85 -25.21
C GLU C 66 13.72 -1.90 -25.19
N HIS C 67 13.57 -2.95 -25.98
CA HIS C 67 14.52 -4.06 -26.07
C HIS C 67 14.59 -4.54 -27.56
N PRO C 68 15.74 -5.06 -28.02
CA PRO C 68 15.90 -5.33 -29.46
C PRO C 68 14.93 -6.35 -30.04
N ILE C 69 14.35 -7.18 -29.19
CA ILE C 69 13.48 -8.24 -29.68
C ILE C 69 12.31 -7.71 -30.51
N GLU C 70 11.70 -6.61 -30.07
CA GLU C 70 10.54 -6.05 -30.79
C GLU C 70 10.88 -5.32 -32.08
N ALA C 71 12.08 -4.76 -32.16
CA ALA C 71 12.52 -4.15 -33.40
C ALA C 71 12.74 -5.25 -34.46
N PHE C 72 13.36 -6.35 -34.03
CA PHE C 72 13.57 -7.50 -34.90
C PHE C 72 12.25 -8.06 -35.38
N GLU C 73 11.29 -8.17 -34.47
CA GLU C 73 9.96 -8.68 -34.85
C GLU C 73 9.28 -7.82 -35.87
N TYR C 74 9.46 -6.50 -35.75
CA TYR C 74 8.80 -5.58 -36.66
C TYR C 74 9.13 -5.96 -38.07
N PHE C 75 10.41 -6.20 -38.33
CA PHE C 75 10.84 -6.62 -39.66
C PHE C 75 10.54 -8.08 -40.03
N ARG C 76 10.69 -8.99 -39.08
CA ARG C 76 10.46 -10.40 -39.36
C ARG C 76 9.02 -10.65 -39.76
N THR C 77 8.09 -10.13 -38.96
CA THR C 77 6.66 -10.33 -39.21
C THR C 77 6.16 -9.57 -40.45
N ARG C 78 6.99 -8.69 -40.99
CA ARG C 78 6.63 -8.00 -42.23
C ARG C 78 7.46 -8.54 -43.39
N GLY C 79 8.02 -9.72 -43.19
CA GLY C 79 8.75 -10.44 -44.22
C GLY C 79 10.11 -9.88 -44.60
N VAL C 80 10.75 -9.15 -43.71
CA VAL C 80 12.13 -8.70 -43.91
C VAL C 80 13.01 -9.56 -43.02
N GLY C 81 13.83 -10.40 -43.64
CA GLY C 81 14.55 -11.45 -42.93
C GLY C 81 15.92 -10.99 -42.49
N LYS C 82 16.39 -9.94 -43.15
CA LYS C 82 17.67 -9.38 -42.79
C LYS C 82 17.64 -7.88 -42.45
N VAL C 83 18.17 -7.56 -41.27
CA VAL C 83 18.31 -6.18 -40.84
C VAL C 83 19.76 -5.80 -40.54
N VAL C 84 20.07 -4.52 -40.68
CA VAL C 84 21.37 -4.01 -40.30
C VAL C 84 21.25 -3.12 -39.08
N CYS C 85 21.96 -3.49 -38.03
CA CYS C 85 21.93 -2.78 -36.77
C CYS C 85 23.11 -1.84 -36.67
N GLU C 86 22.83 -0.53 -36.57
CA GLU C 86 23.89 0.47 -36.48
C GLU C 86 23.90 1.22 -35.14
N GLN C 87 25.09 1.45 -34.61
CA GLN C 87 25.24 2.12 -33.32
C GLN C 87 24.73 3.56 -33.39
N LYS C 88 23.88 3.91 -32.43
CA LYS C 88 23.49 5.29 -32.26
C LYS C 88 24.55 5.97 -31.39
N HIS C 89 25.15 7.03 -31.92
CA HIS C 89 26.13 7.77 -31.15
C HIS C 89 25.45 8.93 -30.41
N MET C 90 26.18 9.51 -29.45
CA MET C 90 25.69 10.59 -28.59
C MET C 90 25.64 11.95 -29.28
N GLY C 91 24.85 12.09 -30.34
CA GLY C 91 24.88 13.30 -31.15
C GLY C 91 23.65 13.66 -31.96
N SER C 92 23.61 14.93 -32.40
CA SER C 92 22.55 15.44 -33.24
C SER C 92 22.57 14.76 -34.60
N ARG C 93 21.63 15.13 -35.47
CA ARG C 93 21.68 14.67 -36.84
C ARG C 93 21.96 15.87 -37.73
N ALA C 94 22.83 15.64 -38.72
CA ALA C 94 23.33 16.71 -39.57
C ALA C 94 23.48 16.22 -41.01
N VAL C 95 23.07 17.04 -41.97
CA VAL C 95 23.26 16.72 -43.38
C VAL C 95 24.51 17.41 -43.86
N VAL C 96 25.39 16.65 -44.50
CA VAL C 96 26.64 17.21 -45.01
C VAL C 96 26.71 17.14 -46.54
N ILE C 97 26.86 18.31 -47.15
CA ILE C 97 26.99 18.41 -48.59
C ILE C 97 28.33 18.99 -48.94
N VAL C 98 29.09 18.29 -49.77
CA VAL C 98 30.42 18.76 -50.14
C VAL C 98 30.62 18.85 -51.64
N CYS C 99 30.98 20.06 -52.08
CA CYS C 99 31.36 20.32 -53.46
C CYS C 99 32.89 20.34 -53.55
N LYS C 100 33.42 20.06 -54.73
CA LYS C 100 34.87 20.15 -54.92
C LYS C 100 35.37 21.60 -54.82
N ASP C 101 34.58 22.55 -55.35
CA ASP C 101 34.89 23.98 -55.27
C ASP C 101 33.61 24.83 -55.24
N SER C 102 33.79 26.12 -55.02
CA SER C 102 32.66 27.06 -55.03
C SER C 102 32.00 27.14 -56.41
N GLN C 103 32.76 26.75 -57.43
CA GLN C 103 32.26 26.73 -58.80
C GLN C 103 31.23 25.61 -58.99
N VAL C 104 31.52 24.46 -58.39
CA VAL C 104 30.56 23.37 -58.38
C VAL C 104 29.31 23.84 -57.68
N ALA C 105 29.47 24.35 -56.46
CA ALA C 105 28.35 24.86 -55.66
C ALA C 105 27.50 25.84 -56.46
N GLU C 106 28.12 26.88 -57.00
CA GLU C 106 27.43 27.88 -57.78
C GLU C 106 26.69 27.29 -59.01
N LYS C 107 27.35 26.38 -59.71
CA LYS C 107 26.82 25.85 -60.97
C LYS C 107 25.77 24.76 -60.74
N ARG C 108 25.97 23.95 -59.71
CA ARG C 108 25.13 22.77 -59.51
C ARG C 108 23.94 23.06 -58.56
N PHE C 109 24.19 23.83 -57.52
CA PHE C 109 23.11 24.15 -56.57
C PHE C 109 22.51 25.53 -56.78
N GLY C 110 23.31 26.43 -57.34
CA GLY C 110 22.90 27.81 -57.55
C GLY C 110 23.29 28.65 -56.36
N VAL C 111 24.18 28.12 -55.52
CA VAL C 111 24.63 28.80 -54.31
C VAL C 111 25.48 30.01 -54.68
N LEU C 112 25.11 31.18 -54.17
CA LEU C 112 25.75 32.41 -54.67
C LEU C 112 26.77 33.08 -53.76
N ASP C 113 26.96 32.56 -52.54
CA ASP C 113 27.87 33.21 -51.58
C ASP C 113 29.28 32.59 -51.50
N GLY C 114 29.63 31.79 -52.51
CA GLY C 114 30.97 31.22 -52.60
C GLY C 114 31.28 30.07 -51.67
N THR C 115 30.29 29.63 -50.89
CA THR C 115 30.47 28.48 -50.00
C THR C 115 30.64 27.24 -50.86
N ALA C 116 31.53 26.35 -50.44
CA ALA C 116 31.82 25.13 -51.17
C ALA C 116 31.23 23.89 -50.52
N GLY C 117 30.37 24.11 -49.53
CA GLY C 117 29.73 23.03 -48.78
C GLY C 117 28.96 23.52 -47.58
N ILE C 118 28.11 22.66 -47.04
CA ILE C 118 27.27 23.02 -45.90
C ILE C 118 27.05 21.86 -44.97
N CYS C 119 27.03 22.14 -43.68
CA CYS C 119 26.57 21.18 -42.70
C CYS C 119 25.34 21.75 -41.96
N TYR C 120 24.17 21.19 -42.22
CA TYR C 120 22.94 21.69 -41.59
C TYR C 120 22.16 20.66 -40.79
N THR C 121 21.22 21.15 -39.99
CA THR C 121 20.44 20.35 -39.07
C THR C 121 19.11 19.93 -39.67
N ARG C 122 18.38 19.08 -38.96
CA ARG C 122 17.06 18.63 -39.41
C ARG C 122 16.02 19.74 -39.60
N THR C 123 16.32 20.95 -39.12
CA THR C 123 15.39 22.08 -39.28
C THR C 123 15.78 22.94 -40.49
N GLY C 124 16.90 22.58 -41.12
CA GLY C 124 17.36 23.29 -42.30
C GLY C 124 18.18 24.51 -41.94
N ARG C 125 18.91 24.40 -40.83
CA ARG C 125 19.72 25.51 -40.37
C ARG C 125 21.13 25.07 -40.00
N HIS C 126 22.07 25.98 -40.17
CA HIS C 126 23.46 25.66 -39.95
C HIS C 126 23.69 25.09 -38.56
N PHE C 127 24.28 23.90 -38.53
CA PHE C 127 24.77 23.29 -37.30
C PHE C 127 25.70 24.20 -36.48
N PHE C 128 26.50 25.00 -37.16
CA PHE C 128 27.39 25.93 -36.48
C PHE C 128 26.97 27.40 -36.61
N ASP C 129 27.26 28.20 -35.59
CA ASP C 129 27.11 29.65 -35.73
C ASP C 129 28.37 30.17 -36.42
N ASP C 130 29.52 29.73 -35.90
CA ASP C 130 30.80 30.03 -36.50
C ASP C 130 30.89 29.38 -37.89
N MET C 131 30.71 30.20 -38.91
CA MET C 131 30.68 29.72 -40.30
C MET C 131 32.04 29.19 -40.75
N GLN C 132 33.10 29.65 -40.07
CA GLN C 132 34.45 29.21 -40.35
C GLN C 132 34.63 27.75 -39.95
N LEU C 133 33.98 27.37 -38.86
CA LEU C 133 34.05 26.01 -38.37
C LEU C 133 33.35 25.06 -39.33
N GLU C 134 32.27 25.55 -39.93
CA GLU C 134 31.55 24.76 -40.93
C GLU C 134 32.48 24.46 -42.09
N ALA C 135 33.05 25.50 -42.69
CA ALA C 135 33.91 25.34 -43.85
C ALA C 135 35.16 24.48 -43.56
N GLU C 136 35.73 24.59 -42.36
CA GLU C 136 36.87 23.78 -41.99
C GLU C 136 36.53 22.28 -41.94
N LEU C 137 35.31 21.97 -41.49
CA LEU C 137 34.87 20.59 -41.40
C LEU C 137 34.59 20.06 -42.79
N ILE C 138 33.98 20.90 -43.61
CA ILE C 138 33.65 20.54 -44.98
C ILE C 138 34.91 20.17 -45.77
N ASP C 139 35.96 20.97 -45.68
CA ASP C 139 37.15 20.69 -46.48
C ASP C 139 37.93 19.49 -45.94
N ARG C 140 37.78 19.25 -44.64
CA ARG C 140 38.42 18.10 -44.03
C ARG C 140 37.80 16.83 -44.61
N VAL C 141 36.47 16.83 -44.66
CA VAL C 141 35.73 15.80 -45.38
C VAL C 141 36.14 15.73 -46.86
N ARG C 142 36.40 16.88 -47.49
CA ARG C 142 36.77 16.92 -48.90
C ARG C 142 38.13 16.31 -49.18
N LYS C 143 39.09 16.59 -48.30
CA LYS C 143 40.46 16.09 -48.43
C LYS C 143 40.43 14.56 -48.46
N VAL C 144 39.62 13.98 -47.59
CA VAL C 144 39.46 12.55 -47.48
C VAL C 144 38.92 11.93 -48.77
N LEU C 145 37.89 12.57 -49.32
CA LEU C 145 37.26 12.09 -50.53
C LEU C 145 38.22 12.21 -51.71
N ASP C 146 39.18 13.11 -51.58
CA ASP C 146 40.27 13.16 -52.56
C ASP C 146 41.13 11.93 -52.33
N LYS C 147 41.76 11.86 -51.16
CA LYS C 147 42.53 10.68 -50.75
C LYS C 147 41.74 9.36 -50.71
N SER C 148 40.96 9.08 -51.74
CA SER C 148 40.27 7.79 -51.83
C SER C 148 39.82 7.59 -53.26
N GLY C 149 39.69 8.72 -53.96
CA GLY C 149 39.23 8.71 -55.33
C GLY C 149 37.72 8.66 -55.41
N PHE C 150 37.06 9.35 -54.48
CA PHE C 150 35.61 9.37 -54.49
C PHE C 150 35.08 9.99 -55.78
N TRP C 151 35.44 11.25 -56.03
CA TRP C 151 34.98 12.01 -57.19
C TRP C 151 35.07 11.23 -58.48
N GLY C 152 36.19 10.56 -58.65
CA GLY C 152 36.40 9.74 -59.83
C GLY C 152 35.50 8.53 -59.83
N ASP C 153 35.59 7.74 -58.75
CA ASP C 153 34.89 6.47 -58.66
C ASP C 153 33.40 6.66 -58.84
N PHE C 154 32.90 7.81 -58.38
CA PHE C 154 31.46 8.11 -58.46
C PHE C 154 31.12 9.07 -59.60
N ASN C 155 32.14 9.56 -60.30
CA ASN C 155 31.95 10.44 -61.45
C ASN C 155 31.04 11.61 -61.07
N THR C 156 31.52 12.36 -60.10
CA THR C 156 30.71 13.40 -59.44
C THR C 156 31.57 14.51 -58.88
N ASP C 157 31.07 15.73 -58.95
CA ASP C 157 31.75 16.85 -58.33
C ASP C 157 31.15 17.24 -56.96
N TRP C 158 30.18 16.45 -56.48
CA TRP C 158 29.52 16.76 -55.21
C TRP C 158 28.96 15.53 -54.50
N VAL C 159 28.70 15.66 -53.21
CA VAL C 159 28.10 14.57 -52.46
C VAL C 159 27.28 15.07 -51.27
N CYS C 160 26.10 14.47 -51.08
CA CYS C 160 25.23 14.75 -49.93
C CYS C 160 25.27 13.58 -48.93
N LEU C 161 25.63 13.87 -47.67
CA LEU C 161 25.83 12.81 -46.67
C LEU C 161 24.87 12.91 -45.50
N ASP C 162 24.42 11.77 -45.01
CA ASP C 162 23.52 11.72 -43.83
C ASP C 162 24.36 11.23 -42.68
N CYS C 163 24.37 12.00 -41.61
CA CYS C 163 25.39 11.83 -40.59
C CYS C 163 24.94 12.05 -39.15
N GLU C 164 25.68 11.39 -38.27
CA GLU C 164 25.67 11.68 -36.85
C GLU C 164 26.76 12.71 -36.62
N LEU C 165 26.44 13.80 -35.93
CA LEU C 165 27.48 14.75 -35.53
C LEU C 165 27.57 14.85 -34.00
N MET C 166 28.74 14.58 -33.47
CA MET C 166 28.95 14.67 -32.02
C MET C 166 29.97 15.77 -31.70
N PRO C 167 29.84 16.39 -30.52
CA PRO C 167 28.85 16.07 -29.49
C PRO C 167 27.53 16.76 -29.80
N TRP C 168 26.73 17.00 -28.77
CA TRP C 168 25.53 17.79 -28.94
C TRP C 168 25.89 19.15 -29.53
N SER C 169 24.99 19.74 -30.32
CA SER C 169 25.14 21.13 -30.73
C SER C 169 25.16 22.09 -29.52
N ALA C 170 25.67 23.30 -29.74
CA ALA C 170 25.85 24.29 -28.69
C ALA C 170 24.50 24.69 -28.10
N LYS C 171 23.50 24.69 -28.96
CA LYS C 171 22.12 25.00 -28.60
C LYS C 171 21.57 23.83 -27.81
N ALA C 172 21.96 22.64 -28.21
CA ALA C 172 21.53 21.42 -27.54
C ALA C 172 22.11 21.27 -26.13
N GLN C 173 23.35 21.71 -25.95
CA GLN C 173 24.08 21.59 -24.70
C GLN C 173 23.69 22.67 -23.68
N LYS C 174 22.74 23.51 -24.05
CA LYS C 174 22.29 24.55 -23.15
C LYS C 174 21.19 23.95 -22.33
N LEU C 175 20.47 23.02 -22.95
CA LEU C 175 19.41 22.30 -22.26
C LEU C 175 19.93 21.62 -20.98
N LEU C 176 21.21 21.26 -20.98
CA LEU C 176 21.83 20.68 -19.81
C LEU C 176 21.81 21.68 -18.66
N GLU C 177 21.85 22.98 -19.00
CA GLU C 177 21.85 24.04 -17.98
C GLU C 177 20.43 24.45 -17.63
N GLU C 178 19.63 24.59 -18.66
CA GLU C 178 18.29 25.12 -18.51
C GLU C 178 17.26 24.11 -17.97
N GLN C 179 17.61 22.83 -17.94
CA GLN C 179 16.62 21.74 -17.76
C GLN C 179 17.12 20.53 -16.98
N TYR C 180 18.02 19.78 -17.62
CA TYR C 180 18.48 18.49 -17.11
C TYR C 180 19.17 18.55 -15.74
N SER C 181 20.10 19.49 -15.59
CA SER C 181 20.73 19.73 -14.30
C SER C 181 19.77 20.30 -13.23
N ALA C 182 18.78 21.09 -13.65
CA ALA C 182 17.81 21.63 -12.69
C ALA C 182 17.06 20.49 -11.99
N VAL C 183 16.43 19.63 -12.78
CA VAL C 183 15.88 18.35 -12.27
C VAL C 183 16.91 17.52 -11.48
N GLY C 184 18.17 17.50 -11.95
CA GLY C 184 19.22 16.73 -11.31
C GLY C 184 19.63 17.21 -9.90
N ILE C 185 19.86 18.51 -9.75
CA ILE C 185 20.20 19.08 -8.44
C ILE C 185 19.04 19.03 -7.45
N SER C 186 17.82 19.33 -7.90
CA SER C 186 16.68 19.35 -7.00
C SER C 186 16.34 17.94 -6.54
N GLY C 187 16.37 17.01 -7.48
CA GLY C 187 16.14 15.61 -7.19
C GLY C 187 17.18 14.95 -6.31
N ARG C 188 18.46 15.19 -6.56
CA ARG C 188 19.48 14.59 -5.71
C ARG C 188 19.39 15.07 -4.26
N VAL C 189 19.30 16.38 -4.05
CA VAL C 189 19.29 16.95 -2.71
C VAL C 189 18.12 16.46 -1.86
N VAL C 190 16.91 16.59 -2.39
CA VAL C 190 15.73 16.22 -1.63
C VAL C 190 15.61 14.71 -1.39
N LEU C 191 16.01 13.91 -2.37
CA LEU C 191 15.95 12.46 -2.24
C LEU C 191 17.01 11.95 -1.26
N ASP C 192 18.16 12.63 -1.21
CA ASP C 192 19.18 12.31 -0.22
C ASP C 192 18.72 12.71 1.18
N GLU C 193 18.06 13.86 1.27
CA GLU C 193 17.57 14.30 2.55
C GLU C 193 16.39 13.42 2.96
N ALA C 194 15.61 12.93 1.99
CA ALA C 194 14.46 12.05 2.28
C ALA C 194 14.93 10.74 2.89
N VAL C 195 16.08 10.27 2.44
CA VAL C 195 16.60 9.00 2.89
C VAL C 195 17.20 9.14 4.29
N LYS C 196 17.93 10.22 4.49
CA LYS C 196 18.50 10.55 5.79
C LYS C 196 17.44 10.64 6.90
N LEU C 197 16.36 11.35 6.60
CA LEU C 197 15.29 11.58 7.58
C LEU C 197 14.54 10.32 7.92
N LEU C 198 14.20 9.54 6.90
CA LEU C 198 13.50 8.26 7.08
C LEU C 198 14.35 7.29 7.91
N LYS C 199 15.61 7.18 7.51
CA LYS C 199 16.63 6.45 8.26
C LYS C 199 16.67 6.80 9.76
N GLN C 200 16.73 8.08 10.07
CA GLN C 200 16.73 8.53 11.46
C GLN C 200 15.47 8.03 12.16
N ALA C 201 14.33 8.21 11.50
CA ALA C 201 13.04 7.78 12.04
C ALA C 201 12.98 6.27 12.15
N SER C 202 13.58 5.57 11.19
CA SER C 202 13.73 4.13 11.24
C SER C 202 14.43 3.67 12.53
N LEU C 203 15.49 4.37 12.92
CA LEU C 203 16.23 4.04 14.12
C LEU C 203 15.58 4.55 15.41
N ASN C 204 14.75 5.59 15.33
CA ASN C 204 14.12 6.19 16.51
C ASN C 204 12.64 5.84 16.65
N LYS C 205 12.29 4.62 16.29
CA LYS C 205 10.90 4.21 16.18
C LYS C 205 10.45 3.27 17.30
N GLY C 217 -5.24 10.19 7.36
CA GLY C 217 -5.04 9.40 6.16
C GLY C 217 -4.91 7.93 6.50
N LYS C 218 -3.83 7.29 6.07
CA LYS C 218 -3.62 5.87 6.36
C LYS C 218 -2.24 5.58 6.90
N ASN C 219 -2.08 4.39 7.45
CA ASN C 219 -0.84 4.00 8.08
C ASN C 219 0.28 3.72 7.11
N ALA C 220 1.44 4.32 7.36
CA ALA C 220 2.61 4.05 6.57
C ALA C 220 3.60 3.24 7.39
N ASP C 221 4.43 2.48 6.69
CA ASP C 221 5.53 1.76 7.32
C ASP C 221 6.82 2.51 7.00
N ILE C 222 7.60 2.82 8.02
CA ILE C 222 8.78 3.64 7.83
C ILE C 222 9.84 2.94 6.94
N ASN C 223 9.97 1.62 7.09
CA ASN C 223 11.00 0.89 6.38
C ASN C 223 10.70 0.62 4.91
N GLU C 224 9.42 0.49 4.58
CA GLU C 224 8.99 0.48 3.19
C GLU C 224 9.36 1.83 2.58
N LEU C 225 8.86 2.90 3.20
CA LEU C 225 9.15 4.27 2.81
C LEU C 225 10.64 4.49 2.56
N LEU C 226 11.47 4.12 3.52
CA LEU C 226 12.91 4.27 3.37
C LEU C 226 13.47 3.52 2.14
N GLN C 227 12.96 2.33 1.89
CA GLN C 227 13.44 1.50 0.80
C GLN C 227 13.03 2.13 -0.52
N ARG C 228 11.79 2.60 -0.57
CA ARG C 228 11.23 3.25 -1.73
C ARG C 228 11.99 4.53 -2.07
N PHE C 229 12.33 5.30 -1.04
CA PHE C 229 12.99 6.55 -1.28
C PHE C 229 14.46 6.33 -1.53
N THR C 230 14.99 5.24 -0.99
CA THR C 230 16.32 4.78 -1.35
C THR C 230 16.39 4.43 -2.84
N GLU C 231 15.36 3.77 -3.37
CA GLU C 231 15.30 3.44 -4.79
C GLU C 231 15.18 4.70 -5.64
N ARG C 232 14.29 5.61 -5.26
CA ARG C 232 14.18 6.87 -5.99
C ARG C 232 15.52 7.59 -6.07
N SER C 233 16.22 7.67 -4.95
CA SER C 233 17.52 8.33 -4.87
C SER C 233 18.54 7.69 -5.83
N GLU C 234 18.51 6.38 -5.91
CA GLU C 234 19.43 5.65 -6.77
C GLU C 234 19.18 5.95 -8.24
N MET C 235 17.91 5.95 -8.65
CA MET C 235 17.57 6.20 -10.05
C MET C 235 17.95 7.62 -10.43
N MET C 236 17.79 8.53 -9.46
CA MET C 236 18.16 9.93 -9.65
C MET C 236 19.68 10.14 -9.77
N GLN C 237 20.48 9.25 -9.18
CA GLN C 237 21.93 9.35 -9.33
C GLN C 237 22.33 8.96 -10.76
N LYS C 238 21.68 7.91 -11.25
CA LYS C 238 21.94 7.38 -12.57
C LYS C 238 21.54 8.38 -13.65
N TYR C 239 20.34 8.92 -13.51
CA TYR C 239 19.90 10.01 -14.37
C TYR C 239 20.98 11.07 -14.52
N VAL C 240 21.47 11.58 -13.39
CA VAL C 240 22.47 12.64 -13.37
C VAL C 240 23.80 12.20 -14.03
N GLU C 241 24.13 10.92 -13.95
CA GLU C 241 25.35 10.43 -14.57
C GLU C 241 25.15 10.19 -16.06
N ALA C 242 23.90 9.97 -16.45
CA ALA C 242 23.56 9.82 -17.85
C ALA C 242 23.63 11.13 -18.68
N TYR C 243 23.21 12.26 -18.11
CA TYR C 243 23.21 13.50 -18.89
C TYR C 243 24.58 14.14 -18.91
N ARG C 244 25.36 13.95 -17.87
CA ARG C 244 26.66 14.62 -17.79
C ARG C 244 27.57 14.29 -18.98
N LYS C 245 27.50 13.04 -19.41
CA LYS C 245 28.29 12.56 -20.55
C LYS C 245 28.17 13.41 -21.84
N TYR C 246 26.99 13.95 -22.08
CA TYR C 246 26.73 14.81 -23.22
C TYR C 246 27.32 16.20 -23.06
N CYS C 247 27.99 16.47 -21.95
CA CYS C 247 28.69 17.75 -21.86
C CYS C 247 30.16 17.63 -22.22
N TRP C 248 30.51 18.33 -23.29
CA TRP C 248 31.87 18.77 -23.59
C TRP C 248 31.80 19.71 -24.80
N PRO C 249 32.35 20.92 -24.65
CA PRO C 249 32.19 21.99 -25.64
C PRO C 249 33.10 21.89 -26.83
N VAL C 250 32.63 22.46 -27.94
CA VAL C 250 33.36 22.46 -29.19
C VAL C 250 34.24 23.70 -29.21
N ASN C 251 35.49 23.54 -28.75
CA ASN C 251 36.43 24.67 -28.74
C ASN C 251 37.15 24.78 -30.07
N SER C 252 37.17 23.66 -30.80
CA SER C 252 37.83 23.59 -32.09
C SER C 252 37.23 22.44 -32.91
N ILE C 253 37.82 22.19 -34.08
CA ILE C 253 37.38 21.08 -34.89
C ILE C 253 37.80 19.71 -34.34
N ASP C 254 38.77 19.72 -33.42
CA ASP C 254 39.24 18.46 -32.86
C ASP C 254 38.29 17.93 -31.77
N ASP C 255 37.22 18.66 -31.50
CA ASP C 255 36.20 18.21 -30.55
C ASP C 255 35.01 17.54 -31.23
N LEU C 256 34.86 17.78 -32.53
CA LEU C 256 33.79 17.20 -33.31
C LEU C 256 34.09 15.76 -33.65
N LYS C 257 33.04 14.97 -33.79
CA LYS C 257 33.12 13.64 -34.35
C LYS C 257 31.97 13.48 -35.35
N LEU C 258 32.28 12.91 -36.52
CA LEU C 258 31.27 12.81 -37.58
C LEU C 258 31.21 11.43 -38.22
N ALA C 259 30.02 10.85 -38.25
CA ALA C 259 29.85 9.50 -38.74
C ALA C 259 28.74 9.43 -39.76
N PRO C 260 29.09 9.45 -41.05
CA PRO C 260 28.05 9.33 -42.08
C PRO C 260 27.41 7.95 -42.02
N PHE C 261 26.10 7.86 -42.30
CA PHE C 261 25.48 6.54 -42.40
C PHE C 261 24.72 6.28 -43.73
N HIS C 262 24.50 7.32 -44.52
CA HIS C 262 24.01 7.12 -45.88
C HIS C 262 24.82 7.99 -46.82
N ILE C 263 25.19 7.44 -47.98
CA ILE C 263 25.55 8.33 -49.06
C ILE C 263 24.27 8.51 -49.82
N LEU C 264 23.74 9.72 -49.81
CA LEU C 264 22.37 9.94 -50.24
C LEU C 264 22.32 10.21 -51.73
N ALA C 265 23.19 11.10 -52.20
CA ALA C 265 23.15 11.52 -53.58
C ALA C 265 24.52 11.97 -54.08
N THR C 266 24.84 11.56 -55.30
CA THR C 266 25.96 12.10 -56.05
C THR C 266 25.41 12.52 -57.41
N GLU C 267 26.24 13.13 -58.26
CA GLU C 267 25.75 13.61 -59.54
C GLU C 267 25.11 12.47 -60.34
N GLY C 268 23.81 12.59 -60.59
CA GLY C 268 23.10 11.63 -61.43
C GLY C 268 22.41 10.48 -60.69
N LYS C 269 22.77 10.27 -59.43
CA LYS C 269 22.25 9.13 -58.70
C LYS C 269 21.77 9.45 -57.29
N VAL C 270 20.65 8.85 -56.92
CA VAL C 270 20.25 8.72 -55.52
C VAL C 270 20.54 7.27 -55.08
N HIS C 271 21.12 7.10 -53.90
CA HIS C 271 21.60 5.78 -53.52
C HIS C 271 20.65 5.00 -52.66
N SER C 272 19.36 5.32 -52.78
CA SER C 272 18.30 4.61 -52.08
C SER C 272 18.04 3.22 -52.64
N ASP C 273 18.81 2.83 -53.66
CA ASP C 273 18.71 1.46 -54.18
C ASP C 273 19.73 0.58 -53.49
N LYS C 274 20.76 1.19 -52.91
CA LYS C 274 21.81 0.46 -52.21
C LYS C 274 21.44 0.07 -50.78
N ASN C 275 21.67 -1.21 -50.45
CA ASN C 275 21.51 -1.75 -49.10
C ASN C 275 22.41 -1.07 -48.02
N HIS C 276 22.20 -1.34 -46.73
CA HIS C 276 22.90 -0.57 -45.69
C HIS C 276 24.29 -1.09 -45.40
N ILE C 277 24.59 -2.29 -45.87
CA ILE C 277 25.96 -2.78 -45.79
C ILE C 277 26.80 -2.00 -46.79
N TRP C 278 26.27 -1.83 -47.99
CA TRP C 278 26.87 -0.96 -49.00
C TRP C 278 27.15 0.43 -48.47
N HIS C 279 26.17 1.03 -47.81
CA HIS C 279 26.34 2.35 -47.20
C HIS C 279 27.47 2.34 -46.16
N MET C 280 27.41 1.41 -45.22
CA MET C 280 28.45 1.29 -44.20
C MET C 280 29.84 1.11 -44.83
N ASP C 281 30.00 0.03 -45.60
CA ASP C 281 31.28 -0.27 -46.27
C ASP C 281 31.77 0.87 -47.15
N THR C 282 30.92 1.38 -48.05
CA THR C 282 31.35 2.44 -48.97
C THR C 282 31.77 3.73 -48.25
N ILE C 283 31.15 4.02 -47.11
CA ILE C 283 31.50 5.22 -46.34
C ILE C 283 32.84 5.00 -45.67
N ALA C 284 33.09 3.77 -45.23
CA ALA C 284 34.33 3.45 -44.55
C ALA C 284 35.55 3.57 -45.46
N LYS C 285 35.37 3.17 -46.72
CA LYS C 285 36.44 3.20 -47.71
C LYS C 285 36.72 4.62 -48.20
N TYR C 286 35.67 5.42 -48.30
CA TYR C 286 35.83 6.74 -48.89
C TYR C 286 35.89 7.91 -47.94
N CYS C 287 35.30 7.78 -46.75
CA CYS C 287 35.16 8.93 -45.83
C CYS C 287 35.86 8.79 -44.49
N THR C 288 36.32 7.59 -44.15
CA THR C 288 36.80 7.34 -42.79
C THR C 288 38.28 6.94 -42.72
N GLN C 289 38.94 6.93 -43.87
CA GLN C 289 40.32 6.48 -43.94
C GLN C 289 41.32 7.61 -43.66
N ASP C 290 42.10 7.42 -42.59
CA ASP C 290 43.24 8.29 -42.27
C ASP C 290 42.88 9.64 -41.65
N ASP C 291 41.62 9.81 -41.24
CA ASP C 291 41.26 10.93 -40.39
C ASP C 291 40.50 10.36 -39.22
N SER C 292 40.75 10.91 -38.04
CA SER C 292 40.05 10.48 -36.84
C SER C 292 38.76 11.28 -36.62
N LEU C 293 38.55 12.30 -37.44
CA LEU C 293 37.36 13.16 -37.33
C LEU C 293 36.12 12.51 -37.93
N ILE C 294 36.32 11.72 -38.97
CA ILE C 294 35.23 11.04 -39.65
C ILE C 294 35.31 9.54 -39.42
N MET C 295 34.39 9.00 -38.63
CA MET C 295 34.45 7.60 -38.24
C MET C 295 33.51 6.69 -39.01
N ALA C 296 33.93 5.44 -39.12
CA ALA C 296 33.06 4.35 -39.54
C ALA C 296 32.19 3.95 -38.34
N THR C 297 30.93 3.65 -38.59
CA THR C 297 30.02 3.34 -37.48
C THR C 297 30.02 1.83 -37.25
N ASN C 298 30.02 1.44 -35.98
CA ASN C 298 29.94 0.01 -35.61
C ASN C 298 28.58 -0.58 -35.99
N HIS C 299 28.61 -1.70 -36.71
CA HIS C 299 27.38 -2.35 -37.13
C HIS C 299 27.51 -3.86 -37.28
N ILE C 300 26.38 -4.57 -37.26
CA ILE C 300 26.32 -6.00 -37.48
C ILE C 300 25.16 -6.26 -38.42
N LEU C 301 25.11 -7.48 -38.97
CA LEU C 301 23.96 -7.92 -39.73
C LEU C 301 23.23 -9.00 -38.95
N VAL C 302 21.90 -8.89 -38.88
CA VAL C 302 21.12 -9.84 -38.11
C VAL C 302 20.09 -10.48 -38.97
N ASP C 303 20.06 -11.81 -38.94
CA ASP C 303 18.97 -12.58 -39.50
C ASP C 303 17.89 -12.72 -38.45
N VAL C 304 16.82 -11.95 -38.61
CA VAL C 304 15.72 -11.95 -37.66
C VAL C 304 14.92 -13.25 -37.64
N THR C 305 15.26 -14.19 -38.54
CA THR C 305 14.62 -15.50 -38.52
C THR C 305 15.41 -16.54 -37.71
N ASP C 306 16.65 -16.24 -37.34
CA ASP C 306 17.51 -17.23 -36.67
C ASP C 306 17.77 -16.85 -35.20
N ALA C 307 17.39 -17.75 -34.28
CA ALA C 307 17.50 -17.46 -32.84
C ALA C 307 18.88 -17.06 -32.34
N GLU C 308 19.90 -17.54 -33.03
CA GLU C 308 21.27 -17.32 -32.59
C GLU C 308 21.84 -16.04 -33.24
N SER C 309 21.32 -15.68 -34.40
CA SER C 309 21.64 -14.38 -34.97
C SER C 309 20.95 -13.31 -34.13
N VAL C 310 19.65 -13.47 -33.87
CA VAL C 310 18.91 -12.60 -32.96
C VAL C 310 19.61 -12.45 -31.59
N ASP C 311 20.03 -13.57 -31.01
CA ASP C 311 20.70 -13.56 -29.70
C ASP C 311 21.97 -12.74 -29.74
N LYS C 312 22.71 -12.86 -30.84
CA LYS C 312 23.95 -12.11 -31.02
C LYS C 312 23.73 -10.59 -31.04
N GLY C 313 22.72 -10.16 -31.78
CA GLY C 313 22.36 -8.77 -31.89
C GLY C 313 21.94 -8.25 -30.54
N ILE C 314 21.36 -9.11 -29.70
CA ILE C 314 20.94 -8.67 -28.39
C ILE C 314 22.16 -8.39 -27.52
N LYS C 315 23.06 -9.36 -27.50
CA LYS C 315 24.28 -9.26 -26.75
C LYS C 315 25.06 -8.04 -27.22
N TRP C 316 25.21 -7.90 -28.53
CA TRP C 316 25.87 -6.74 -29.12
C TRP C 316 25.27 -5.44 -28.57
N TRP C 317 23.95 -5.42 -28.48
CA TRP C 317 23.22 -4.24 -28.05
C TRP C 317 23.38 -3.97 -26.56
N GLU C 318 23.33 -5.05 -25.77
CA GLU C 318 23.63 -5.00 -24.34
C GLU C 318 25.03 -4.40 -24.10
N ASP C 319 25.98 -4.75 -24.95
CA ASP C 319 27.33 -4.20 -24.86
C ASP C 319 27.47 -2.73 -25.28
N LEU C 320 26.80 -2.32 -26.36
CA LEU C 320 26.79 -0.91 -26.76
C LEU C 320 26.27 -0.04 -25.63
N THR C 321 25.24 -0.52 -24.94
CA THR C 321 24.59 0.27 -23.93
C THR C 321 25.06 -0.09 -22.52
N ALA C 322 26.14 -0.85 -22.43
CA ALA C 322 26.73 -1.11 -21.12
C ALA C 322 27.19 0.18 -20.44
N SER C 323 27.87 1.07 -21.16
CA SER C 323 28.36 2.32 -20.55
C SER C 323 27.33 3.24 -19.83
N GLY C 324 26.23 3.63 -20.48
CA GLY C 324 25.83 3.14 -21.79
C GLY C 324 25.42 4.12 -22.85
N GLY C 325 25.77 3.77 -24.09
CA GLY C 325 25.39 4.54 -25.25
C GLY C 325 23.89 4.54 -25.49
N GLU C 326 23.44 5.38 -26.43
CA GLU C 326 22.01 5.51 -26.70
C GLU C 326 21.31 4.24 -27.23
N GLY C 327 22.06 3.33 -27.86
CA GLY C 327 21.48 2.12 -28.37
C GLY C 327 21.78 1.88 -29.84
N MET C 328 20.87 1.21 -30.54
CA MET C 328 21.05 1.02 -31.97
C MET C 328 19.89 1.51 -32.79
N VAL C 329 20.18 1.82 -34.06
CA VAL C 329 19.14 2.07 -35.02
C VAL C 329 19.04 0.79 -35.84
N VAL C 330 17.85 0.21 -35.90
CA VAL C 330 17.67 -1.02 -36.68
C VAL C 330 17.09 -0.66 -38.02
N LYS C 331 17.75 -1.08 -39.09
CA LYS C 331 17.28 -0.77 -40.43
C LYS C 331 17.05 -2.02 -41.24
N PRO C 332 16.13 -1.96 -42.19
CA PRO C 332 16.01 -3.13 -43.09
C PRO C 332 17.28 -3.26 -43.95
N TYR C 333 17.57 -4.45 -44.44
CA TYR C 333 18.78 -4.66 -45.25
C TYR C 333 18.79 -3.68 -46.44
N ASP C 334 17.72 -3.66 -47.21
CA ASP C 334 17.61 -2.73 -48.32
C ASP C 334 17.14 -1.38 -47.86
N PHE C 335 17.47 -0.33 -48.62
CA PHE C 335 17.15 1.04 -48.19
C PHE C 335 15.65 1.27 -48.12
N ILE C 336 14.94 0.81 -49.14
CA ILE C 336 13.49 0.95 -49.18
C ILE C 336 12.88 -0.42 -49.37
N VAL C 337 12.03 -0.80 -48.43
CA VAL C 337 11.37 -2.09 -48.46
C VAL C 337 9.86 -1.93 -48.33
N LYS C 338 9.17 -2.90 -48.92
CA LYS C 338 7.73 -2.93 -48.89
C LYS C 338 7.30 -4.31 -48.43
N ASN C 339 6.10 -4.39 -47.87
CA ASN C 339 5.49 -5.67 -47.56
C ASN C 339 4.32 -5.68 -48.51
N GLY C 340 4.54 -6.20 -49.72
CA GLY C 340 3.57 -6.07 -50.78
C GLY C 340 3.67 -4.68 -51.36
N ARG C 341 2.69 -3.83 -51.06
CA ARG C 341 2.72 -2.43 -51.52
C ARG C 341 2.92 -1.48 -50.34
N GLU C 342 2.79 -2.03 -49.13
CA GLU C 342 2.91 -1.25 -47.93
C GLU C 342 4.40 -0.98 -47.67
N LEU C 343 4.78 0.28 -47.77
CA LEU C 343 6.13 0.73 -47.41
C LEU C 343 6.40 0.53 -45.92
N LEU C 344 7.55 -0.06 -45.58
CA LEU C 344 7.90 -0.34 -44.20
C LEU C 344 8.80 0.75 -43.68
N GLN C 345 8.94 0.83 -42.36
CA GLN C 345 9.80 1.83 -41.71
C GLN C 345 11.25 1.64 -42.13
N PRO C 346 11.87 2.71 -42.60
CA PRO C 346 13.27 2.64 -43.03
C PRO C 346 14.21 2.57 -41.83
N ALA C 347 13.66 2.74 -40.64
CA ALA C 347 14.46 2.71 -39.42
C ALA C 347 13.56 2.54 -38.19
N VAL C 348 14.12 1.90 -37.16
CA VAL C 348 13.45 1.73 -35.90
C VAL C 348 14.53 1.83 -34.85
N LYS C 349 14.44 2.81 -33.96
CA LYS C 349 15.43 2.94 -32.88
C LYS C 349 15.07 2.07 -31.68
N CYS C 350 16.10 1.62 -30.98
CA CYS C 350 15.94 0.80 -29.79
C CYS C 350 16.85 1.42 -28.78
N ARG C 351 16.30 2.24 -27.89
CA ARG C 351 17.17 3.08 -27.06
C ARG C 351 17.66 2.39 -25.77
N GLY C 352 18.86 2.74 -25.33
CA GLY C 352 19.44 2.17 -24.12
C GLY C 352 18.67 2.48 -22.83
N ARG C 353 18.58 1.48 -21.96
CA ARG C 353 17.84 1.56 -20.70
C ARG C 353 18.23 2.76 -19.83
N GLU C 354 19.53 3.04 -19.75
CA GLU C 354 20.00 4.17 -18.97
C GLU C 354 19.72 5.47 -19.69
N TYR C 355 20.01 5.48 -20.98
CA TYR C 355 19.81 6.65 -21.84
C TYR C 355 18.38 7.18 -21.76
N LEU C 356 17.42 6.29 -21.57
CA LEU C 356 16.02 6.69 -21.62
C LEU C 356 15.55 7.47 -20.38
N ARG C 357 16.41 7.59 -19.37
CA ARG C 357 16.11 8.48 -18.25
C ARG C 357 16.15 9.94 -18.73
N ILE C 358 16.96 10.20 -19.74
CA ILE C 358 17.03 11.51 -20.38
C ILE C 358 15.77 11.83 -21.21
N ILE C 359 14.95 10.81 -21.43
CA ILE C 359 13.74 10.93 -22.27
C ILE C 359 12.41 10.71 -21.50
N TYR C 360 12.31 9.60 -20.77
CA TYR C 360 11.11 9.31 -20.00
C TYR C 360 11.25 9.71 -18.53
N GLY C 361 12.40 10.26 -18.17
CA GLY C 361 12.63 10.82 -16.85
C GLY C 361 13.47 9.92 -15.98
N PRO C 362 14.05 10.51 -14.91
CA PRO C 362 14.91 9.88 -13.89
C PRO C 362 14.38 8.55 -13.33
N GLU C 363 13.07 8.53 -13.04
CA GLU C 363 12.47 7.42 -12.31
C GLU C 363 11.59 6.52 -13.18
N TYR C 364 11.91 6.44 -14.46
CA TYR C 364 11.03 5.73 -15.38
C TYR C 364 11.14 4.22 -15.18
N THR C 365 12.29 3.77 -14.69
CA THR C 365 12.54 2.33 -14.53
C THR C 365 11.88 1.78 -13.27
N MET C 366 11.35 2.66 -12.45
CA MET C 366 10.67 2.19 -11.26
C MET C 366 9.40 1.49 -11.69
N ASP C 367 9.04 0.46 -10.93
CA ASP C 367 8.00 -0.50 -11.28
C ASP C 367 6.69 0.13 -11.66
N GLU C 368 6.10 0.85 -10.71
CA GLU C 368 4.78 1.45 -10.88
C GLU C 368 4.75 2.47 -12.02
N ASN C 369 5.92 2.98 -12.39
CA ASN C 369 6.06 3.88 -13.53
C ASN C 369 6.20 3.17 -14.89
N ILE C 370 7.22 2.32 -15.02
CA ILE C 370 7.54 1.66 -16.29
C ILE C 370 6.35 0.86 -16.78
N GLU C 371 5.56 0.36 -15.83
CA GLU C 371 4.36 -0.35 -16.19
C GLU C 371 3.35 0.48 -16.98
N ARG C 372 3.07 1.69 -16.52
CA ARG C 372 2.14 2.57 -17.22
C ARG C 372 2.73 3.11 -18.52
N LEU C 373 4.06 3.16 -18.60
CA LEU C 373 4.76 3.68 -19.78
C LEU C 373 4.75 2.68 -20.94
N ARG C 374 4.51 1.41 -20.64
CA ARG C 374 4.58 0.34 -21.64
C ARG C 374 3.41 0.38 -22.61
N ASN C 375 2.36 1.09 -22.23
CA ASN C 375 1.23 1.31 -23.11
C ASN C 375 1.43 2.62 -23.86
N ARG C 376 2.17 2.58 -24.97
CA ARG C 376 2.37 3.78 -25.78
C ARG C 376 1.89 3.57 -27.23
N ALA C 377 1.37 4.64 -27.82
CA ALA C 377 0.78 4.59 -29.14
C ALA C 377 1.78 5.14 -30.17
N VAL C 378 2.24 4.28 -31.08
CA VAL C 378 3.30 4.63 -31.99
C VAL C 378 2.79 4.85 -33.39
N GLY C 379 1.49 4.62 -33.57
CA GLY C 379 0.85 4.67 -34.87
C GLY C 379 1.03 6.01 -35.56
N LYS C 380 0.79 7.08 -34.82
CA LYS C 380 0.92 8.40 -35.38
C LYS C 380 2.37 8.69 -35.77
N LYS C 381 3.30 8.27 -34.92
CA LYS C 381 4.73 8.52 -35.14
C LYS C 381 5.28 7.77 -36.37
N ARG C 382 4.92 6.51 -36.50
CA ARG C 382 5.28 5.73 -37.66
C ARG C 382 4.77 6.37 -38.95
N SER C 383 3.53 6.81 -38.89
CA SER C 383 2.87 7.46 -40.03
C SER C 383 3.56 8.77 -40.42
N LEU C 384 4.15 9.42 -39.43
CA LEU C 384 4.91 10.64 -39.63
C LEU C 384 6.30 10.36 -40.16
N ALA C 385 6.91 9.28 -39.69
CA ALA C 385 8.21 8.87 -40.20
C ALA C 385 8.12 8.46 -41.69
N LEU C 386 7.07 7.74 -42.08
CA LEU C 386 6.95 7.31 -43.45
C LEU C 386 6.72 8.48 -44.39
N ARG C 387 5.85 9.42 -44.00
CA ARG C 387 5.55 10.56 -44.86
C ARG C 387 6.77 11.46 -45.06
N GLU C 388 7.50 11.71 -43.97
CA GLU C 388 8.74 12.47 -44.05
C GLU C 388 9.81 11.71 -44.85
N PHE C 389 9.85 10.39 -44.67
CA PHE C 389 10.81 9.59 -45.39
C PHE C 389 10.56 9.73 -46.89
N SER C 390 9.30 9.70 -47.28
CA SER C 390 8.92 9.76 -48.69
C SER C 390 9.29 11.14 -49.27
N LEU C 391 9.05 12.18 -48.48
CA LEU C 391 9.23 13.55 -48.95
C LEU C 391 10.70 13.88 -49.16
N GLY C 392 11.58 13.25 -48.39
CA GLY C 392 13.00 13.52 -48.50
C GLY C 392 13.62 12.79 -49.68
N MET C 393 13.08 11.60 -49.96
CA MET C 393 13.47 10.82 -51.13
C MET C 393 13.02 11.54 -52.40
N GLU C 394 11.82 12.13 -52.34
CA GLU C 394 11.32 12.86 -53.49
C GLU C 394 12.16 14.08 -53.74
N ALA C 395 12.57 14.74 -52.67
CA ALA C 395 13.40 15.92 -52.78
C ALA C 395 14.77 15.58 -53.40
N LEU C 396 15.35 14.44 -53.02
CA LEU C 396 16.60 13.98 -53.64
C LEU C 396 16.40 13.59 -55.10
N GLU C 397 15.41 12.75 -55.36
CA GLU C 397 15.07 12.38 -56.74
C GLU C 397 14.76 13.55 -57.67
N ARG C 398 14.25 14.66 -57.13
CA ARG C 398 13.98 15.79 -58.00
C ARG C 398 15.22 16.61 -58.32
N PHE C 399 16.03 16.86 -57.31
CA PHE C 399 17.27 17.60 -57.48
C PHE C 399 18.19 16.91 -58.46
N VAL C 400 18.35 15.61 -58.27
CA VAL C 400 19.22 14.77 -59.09
C VAL C 400 18.75 14.70 -60.54
N ARG C 401 17.45 14.73 -60.75
CA ARG C 401 16.93 14.80 -62.12
C ARG C 401 16.68 16.27 -62.57
N ASN C 402 17.31 17.20 -61.85
CA ASN C 402 17.41 18.58 -62.31
C ASN C 402 16.09 19.37 -62.43
N GLU C 403 15.09 19.02 -61.63
CA GLU C 403 13.88 19.80 -61.53
C GLU C 403 14.23 21.14 -60.85
N PRO C 404 13.36 22.15 -61.00
CA PRO C 404 13.70 23.46 -60.44
C PRO C 404 13.49 23.56 -58.92
N LEU C 405 13.95 24.67 -58.35
CA LEU C 405 13.96 24.87 -56.91
C LEU C 405 12.62 24.59 -56.19
N TYR C 406 11.54 25.22 -56.64
CA TYR C 406 10.24 25.06 -56.01
C TYR C 406 9.80 23.61 -55.92
N ARG C 407 10.11 22.83 -56.94
CA ARG C 407 9.74 21.42 -56.96
C ARG C 407 10.51 20.60 -55.92
N VAL C 408 11.81 20.88 -55.79
CA VAL C 408 12.61 20.34 -54.69
C VAL C 408 12.13 20.91 -53.37
N HIS C 409 11.91 22.22 -53.33
CA HIS C 409 11.68 22.89 -52.05
C HIS C 409 10.35 22.54 -51.41
N GLU C 410 9.37 22.17 -52.24
CA GLU C 410 8.06 21.85 -51.67
C GLU C 410 8.15 20.56 -50.86
N CYS C 411 9.09 19.69 -51.23
CA CYS C 411 9.28 18.43 -50.53
C CYS C 411 10.01 18.63 -49.23
N VAL C 412 11.05 19.46 -49.26
CA VAL C 412 11.83 19.76 -48.05
C VAL C 412 10.98 20.52 -47.02
N PHE C 413 10.23 21.50 -47.51
CA PHE C 413 9.31 22.27 -46.66
C PHE C 413 8.23 21.36 -46.06
N GLY C 414 7.80 20.38 -46.85
CA GLY C 414 6.85 19.37 -46.41
C GLY C 414 7.32 18.62 -45.17
N VAL C 415 8.59 18.23 -45.17
CA VAL C 415 9.19 17.61 -44.00
C VAL C 415 9.07 18.49 -42.75
N LEU C 416 9.47 19.75 -42.88
CA LEU C 416 9.36 20.75 -41.83
C LEU C 416 7.95 20.87 -41.27
N ALA C 417 6.99 20.98 -42.17
CA ALA C 417 5.60 21.11 -41.79
C ALA C 417 5.09 19.93 -40.94
N LEU C 418 5.40 18.71 -41.37
CA LEU C 418 4.95 17.53 -40.64
C LEU C 418 5.61 17.48 -39.28
N GLU C 419 6.81 18.02 -39.18
CA GLU C 419 7.50 17.99 -37.90
C GLU C 419 6.84 18.88 -36.88
N SER C 420 6.06 19.85 -37.33
CA SER C 420 5.35 20.71 -36.39
C SER C 420 4.01 20.09 -36.00
N GLU C 421 3.82 18.84 -36.37
CA GLU C 421 2.65 18.06 -35.99
C GLU C 421 2.83 17.53 -34.55
N PRO C 422 1.80 17.64 -33.73
CA PRO C 422 1.82 17.20 -32.34
C PRO C 422 1.99 15.69 -32.20
N VAL C 423 3.09 15.27 -31.58
CA VAL C 423 3.28 13.85 -31.34
C VAL C 423 3.99 13.70 -29.99
N ASP C 424 3.86 12.53 -29.35
CA ASP C 424 4.58 12.22 -28.12
C ASP C 424 6.07 12.49 -28.27
N PRO C 425 6.60 13.45 -27.50
CA PRO C 425 8.00 13.88 -27.60
C PRO C 425 8.99 12.79 -27.19
N ARG C 426 8.53 11.82 -26.43
CA ARG C 426 9.40 10.76 -25.96
C ARG C 426 9.70 9.74 -27.06
N LEU C 427 8.77 9.59 -28.00
CA LEU C 427 8.84 8.58 -29.05
C LEU C 427 10.01 8.80 -30.01
N MET D 1 10.97 19.58 -1.57
CA MET D 1 9.93 18.58 -1.38
C MET D 1 9.76 18.17 0.09
N ILE D 2 10.52 18.80 0.98
CA ILE D 2 10.46 18.45 2.39
C ILE D 2 10.28 19.65 3.30
N LEU D 3 9.32 19.52 4.22
CA LEU D 3 9.12 20.48 5.31
C LEU D 3 9.45 19.76 6.62
N THR D 4 10.34 20.34 7.40
CA THR D 4 10.51 19.86 8.76
C THR D 4 10.17 20.94 9.77
N ILE D 5 9.57 20.53 10.87
CA ILE D 5 9.41 21.42 12.00
C ILE D 5 10.07 20.80 13.24
N THR D 6 10.72 21.64 14.02
CA THR D 6 11.44 21.21 15.22
C THR D 6 11.10 22.04 16.47
N TYR D 7 10.86 21.33 17.58
CA TYR D 7 10.50 21.90 18.89
C TYR D 7 11.41 21.30 19.96
N THR D 8 11.92 22.12 20.87
CA THR D 8 12.87 21.60 21.85
C THR D 8 12.53 21.89 23.32
N GLN D 9 11.40 22.53 23.58
CA GLN D 9 10.98 22.79 24.95
C GLN D 9 10.58 21.49 25.66
N PRO D 10 11.36 21.10 26.67
CA PRO D 10 11.27 19.76 27.24
C PRO D 10 10.06 19.40 28.08
N PRO D 11 9.00 18.99 27.39
CA PRO D 11 8.82 17.62 26.91
C PRO D 11 8.54 17.85 25.40
N ALA D 12 9.57 17.76 24.57
CA ALA D 12 9.47 18.19 23.16
C ALA D 12 8.43 17.41 22.37
N THR D 13 8.13 16.20 22.84
CA THR D 13 7.14 15.32 22.23
C THR D 13 5.74 15.92 22.25
N ASP D 14 5.60 17.02 23.00
CA ASP D 14 4.39 17.84 22.98
C ASP D 14 4.14 18.45 21.61
N LEU D 15 5.18 18.61 20.81
CA LEU D 15 4.99 19.00 19.40
C LEU D 15 3.96 18.10 18.71
N GLY D 16 4.01 16.79 19.00
CA GLY D 16 3.05 15.86 18.45
C GLY D 16 1.59 16.17 18.76
N TYR D 17 1.31 16.58 20.00
CA TYR D 17 -0.06 16.94 20.40
C TYR D 17 -0.58 18.16 19.64
N LEU D 18 0.29 19.14 19.43
CA LEU D 18 -0.09 20.32 18.67
C LEU D 18 -0.40 20.02 17.19
N LEU D 19 0.21 18.96 16.66
CA LEU D 19 0.10 18.60 15.25
C LEU D 19 -0.92 17.48 15.02
N HIS D 20 -1.18 16.71 16.06
CA HIS D 20 -2.08 15.56 16.02
C HIS D 20 -1.53 14.44 15.18
N LYS D 21 -0.24 14.22 15.20
CA LYS D 21 0.26 13.04 14.54
C LYS D 21 1.12 12.39 15.60
N ASN D 22 0.66 11.26 16.10
CA ASN D 22 1.40 10.58 17.12
C ASN D 22 2.73 10.18 16.51
N PRO D 23 3.83 10.56 17.17
CA PRO D 23 5.17 10.36 16.63
C PRO D 23 5.48 8.90 16.33
N SER D 24 4.71 7.99 16.88
CA SER D 24 4.97 6.58 16.67
C SER D 24 4.07 6.02 15.56
N ARG D 25 3.37 6.90 14.86
CA ARG D 25 2.44 6.48 13.82
C ARG D 25 2.62 7.20 12.47
N PRO D 26 3.68 6.85 11.71
CA PRO D 26 3.87 7.43 10.37
C PRO D 26 2.63 7.23 9.51
N GLN D 27 2.30 8.27 8.75
CA GLN D 27 1.10 8.23 7.93
C GLN D 27 1.33 8.70 6.51
N THR D 28 0.45 8.22 5.63
CA THR D 28 0.40 8.59 4.24
C THR D 28 -0.98 9.18 3.89
N PHE D 29 -0.96 10.36 3.26
CA PHE D 29 -2.16 11.01 2.75
C PHE D 29 -2.09 11.07 1.22
N GLU D 30 -3.23 10.94 0.54
CA GLU D 30 -3.25 10.98 -0.92
C GLU D 30 -3.72 12.32 -1.50
N LEU D 31 -2.87 12.94 -2.33
CA LEU D 31 -3.19 14.20 -3.01
C LEU D 31 -3.59 13.92 -4.45
N ASN D 32 -3.88 15.02 -5.16
CA ASN D 32 -3.91 15.01 -6.61
C ASN D 32 -2.47 15.01 -7.11
N HIS D 33 -2.18 14.09 -8.02
CA HIS D 33 -0.87 13.97 -8.67
C HIS D 33 0.19 13.40 -7.76
N GLY D 34 -0.24 12.79 -6.66
CA GLY D 34 0.70 12.10 -5.79
C GLY D 34 0.16 11.74 -4.41
N LYS D 35 1.04 11.83 -3.42
CA LYS D 35 0.65 11.60 -2.03
C LYS D 35 1.69 12.16 -1.07
N ALA D 36 1.36 12.20 0.22
CA ALA D 36 2.23 12.85 1.19
C ALA D 36 2.44 11.97 2.42
N HIS D 37 3.66 11.97 2.94
CA HIS D 37 3.98 11.15 4.11
C HIS D 37 4.37 12.05 5.26
N ILE D 38 3.89 11.71 6.45
CA ILE D 38 4.23 12.45 7.64
C ILE D 38 4.74 11.47 8.68
N PHE D 39 5.88 11.79 9.26
CA PHE D 39 6.54 10.90 10.20
C PHE D 39 7.50 11.74 11.04
N TYR D 40 7.94 11.21 12.16
CA TYR D 40 8.77 11.97 13.09
C TYR D 40 10.15 11.36 13.15
N PRO D 41 11.11 11.95 12.44
CA PRO D 41 12.49 11.43 12.47
C PRO D 41 13.05 11.35 13.89
N GLU D 42 12.61 12.26 14.75
CA GLU D 42 13.03 12.28 16.14
C GLU D 42 11.89 12.72 17.05
N ALA D 43 11.61 11.90 18.07
CA ALA D 43 10.73 12.32 19.14
C ALA D 43 11.25 11.88 20.51
N THR D 44 12.05 12.76 21.12
CA THR D 44 12.43 12.62 22.52
C THR D 44 11.92 13.83 23.30
N SER D 45 12.11 13.81 24.62
CA SER D 45 11.59 14.86 25.48
C SER D 45 12.36 16.16 25.27
N GLU D 46 13.62 16.02 24.84
CA GLU D 46 14.45 17.19 24.63
C GLU D 46 14.42 17.69 23.17
N ARG D 47 13.96 16.86 22.26
CA ARG D 47 13.95 17.21 20.84
C ARG D 47 12.89 16.47 20.03
N CYS D 48 12.06 17.21 19.34
CA CYS D 48 11.03 16.59 18.51
C CYS D 48 10.93 17.25 17.11
N THR D 49 11.06 16.42 16.07
CA THR D 49 11.00 16.94 14.71
C THR D 49 9.96 16.22 13.87
N VAL D 50 9.10 16.98 13.20
CA VAL D 50 8.14 16.37 12.29
C VAL D 50 8.66 16.52 10.86
N ALA D 51 8.33 15.54 10.00
CA ALA D 51 8.72 15.57 8.58
C ALA D 51 7.55 15.34 7.65
N LEU D 52 7.42 16.26 6.69
CA LEU D 52 6.40 16.21 5.68
C LEU D 52 7.08 15.97 4.31
N LEU D 53 6.77 14.83 3.71
CA LEU D 53 7.51 14.29 2.54
C LEU D 53 6.61 14.08 1.33
N LEU D 54 6.74 14.92 0.31
CA LEU D 54 5.90 14.81 -0.89
C LEU D 54 6.27 13.55 -1.67
N ASP D 55 5.28 12.87 -2.23
CA ASP D 55 5.56 11.71 -3.07
C ASP D 55 4.76 11.91 -4.34
N ILE D 56 5.24 12.82 -5.20
CA ILE D 56 4.55 13.19 -6.43
C ILE D 56 4.81 12.17 -7.55
N ASP D 57 3.76 11.86 -8.31
CA ASP D 57 3.80 10.88 -9.38
C ASP D 57 4.10 11.61 -10.68
N PRO D 58 5.27 11.33 -11.28
CA PRO D 58 5.67 12.06 -12.49
C PRO D 58 4.72 11.79 -13.66
N ILE D 59 4.24 10.55 -13.80
CA ILE D 59 3.34 10.18 -14.90
C ILE D 59 1.95 10.86 -14.86
N ASP D 60 1.38 11.07 -13.67
CA ASP D 60 0.14 11.85 -13.55
C ASP D 60 0.24 13.14 -14.37
N LEU D 61 -0.42 13.12 -15.53
CA LEU D 61 -0.35 14.22 -16.49
C LEU D 61 -1.61 14.31 -17.37
N GLY D 73 6.08 19.47 -25.41
CA GLY D 73 7.50 19.56 -25.09
C GLY D 73 7.99 18.35 -24.31
N LEU D 74 9.27 18.04 -24.45
CA LEU D 74 9.84 16.90 -23.78
C LEU D 74 9.83 17.11 -22.25
N PHE D 75 9.96 18.36 -21.83
CA PHE D 75 10.10 18.68 -20.41
C PHE D 75 8.78 18.93 -19.71
N ASP D 76 7.71 18.36 -20.27
CA ASP D 76 6.46 18.20 -19.57
C ASP D 76 6.41 16.80 -19.03
N TYR D 77 7.53 16.08 -19.16
CA TYR D 77 7.59 14.72 -18.62
C TYR D 77 8.82 14.62 -17.80
N VAL D 78 9.79 15.49 -18.11
CA VAL D 78 11.04 15.58 -17.37
C VAL D 78 11.19 16.93 -16.69
N ASN D 79 10.52 17.10 -15.55
CA ASN D 79 10.53 18.37 -14.81
C ASN D 79 10.89 18.26 -13.33
N ASP D 80 11.13 19.42 -12.73
CA ASP D 80 11.46 19.45 -11.31
C ASP D 80 10.28 19.35 -10.31
N ARG D 81 9.08 19.10 -10.82
CA ARG D 81 7.88 19.13 -9.97
C ARG D 81 7.89 18.18 -8.79
N PRO D 82 8.33 16.92 -8.97
CA PRO D 82 8.21 16.00 -7.84
C PRO D 82 9.26 16.20 -6.75
N TYR D 83 10.11 17.23 -6.90
CA TYR D 83 11.30 17.39 -6.05
C TYR D 83 11.42 18.80 -5.46
N VAL D 84 10.42 19.65 -5.72
CA VAL D 84 10.45 21.01 -5.21
C VAL D 84 9.30 21.28 -4.21
N SER D 85 9.47 22.28 -3.37
CA SER D 85 8.38 22.69 -2.48
C SER D 85 7.46 23.65 -3.23
N SER D 86 6.59 23.07 -4.04
CA SER D 86 5.67 23.81 -4.89
C SER D 86 4.39 24.07 -4.14
N SER D 87 3.34 24.35 -4.89
CA SER D 87 2.05 24.58 -4.27
C SER D 87 1.47 23.28 -3.75
N PHE D 88 2.02 22.16 -4.21
CA PHE D 88 1.60 20.87 -3.69
C PHE D 88 1.98 20.70 -2.20
N MET D 89 3.00 21.45 -1.76
CA MET D 89 3.39 21.45 -0.36
C MET D 89 2.30 22.08 0.51
N SER D 90 1.83 23.26 0.13
CA SER D 90 0.72 23.89 0.84
C SER D 90 -0.47 22.93 0.96
N VAL D 91 -0.86 22.35 -0.17
CA VAL D 91 -1.98 21.43 -0.19
C VAL D 91 -1.79 20.23 0.74
N ALA D 92 -0.56 19.74 0.86
CA ALA D 92 -0.26 18.68 1.83
C ALA D 92 -0.34 19.18 3.29
N ILE D 93 0.11 20.42 3.51
CA ILE D 93 0.04 20.99 4.85
C ILE D 93 -1.37 21.01 5.37
N SER D 94 -2.29 21.56 4.56
CA SER D 94 -3.70 21.69 4.93
C SER D 94 -4.40 20.34 5.08
N ARG D 95 -3.71 19.31 4.64
CA ARG D 95 -4.28 17.99 4.59
C ARG D 95 -3.77 17.07 5.73
N VAL D 96 -2.56 17.32 6.20
CA VAL D 96 -2.00 16.52 7.28
C VAL D 96 -2.08 17.21 8.67
N PHE D 97 -1.87 18.52 8.67
CA PHE D 97 -1.94 19.35 9.89
C PHE D 97 -3.17 20.20 9.72
N GLY D 98 -4.29 19.53 9.49
CA GLY D 98 -5.50 20.21 9.08
C GLY D 98 -6.01 21.16 10.15
N THR D 99 -6.28 20.56 11.29
CA THR D 99 -6.82 21.31 12.40
C THR D 99 -5.77 22.23 13.04
N ALA D 100 -4.55 21.73 13.22
CA ALA D 100 -3.47 22.52 13.82
C ALA D 100 -3.40 23.98 13.31
N MET D 101 -3.88 24.23 12.08
CA MET D 101 -3.97 25.59 11.56
C MET D 101 -5.22 26.32 12.04
N SER D 102 -6.05 25.64 12.83
CA SER D 102 -7.23 26.28 13.40
C SER D 102 -7.00 26.52 14.88
N GLY D 103 -5.73 26.46 15.31
CA GLY D 103 -5.35 26.72 16.69
C GLY D 103 -5.86 25.69 17.69
N LYS D 104 -6.71 24.78 17.22
CA LYS D 104 -7.34 23.82 18.09
C LYS D 104 -6.34 22.79 18.61
N CYS D 105 -6.05 22.86 19.90
CA CYS D 105 -5.37 21.77 20.59
C CYS D 105 -6.07 21.41 21.89
N LYS D 106 -5.92 20.14 22.27
CA LYS D 106 -6.78 19.49 23.25
C LYS D 106 -5.97 19.18 24.50
N GLU D 107 -5.02 18.28 24.35
CA GLU D 107 -4.23 17.82 25.47
C GLU D 107 -3.20 18.85 25.92
N LYS D 108 -2.98 19.87 25.08
CA LYS D 108 -2.17 21.04 25.48
C LYS D 108 -2.71 22.35 24.87
N PRO D 109 -3.85 22.86 25.40
CA PRO D 109 -4.60 23.98 24.79
C PRO D 109 -3.92 25.34 24.86
N GLU D 110 -2.89 25.45 25.68
CA GLU D 110 -2.34 26.78 25.96
C GLU D 110 -0.96 26.80 25.33
N LEU D 111 -0.36 25.62 25.13
CA LEU D 111 0.77 25.47 24.23
C LEU D 111 0.35 25.98 22.85
N ALA D 112 -0.81 25.52 22.39
CA ALA D 112 -1.40 26.03 21.18
C ALA D 112 -1.79 27.50 21.26
N ALA D 113 -1.68 28.10 22.45
CA ALA D 113 -2.20 29.44 22.68
C ALA D 113 -1.14 30.55 22.59
N ILE D 114 0.09 30.20 22.93
CA ILE D 114 1.16 31.19 22.97
C ILE D 114 2.22 30.96 21.90
N LYS D 115 3.06 31.96 21.68
CA LYS D 115 4.24 31.82 20.82
C LYS D 115 5.20 30.78 21.38
N LEU D 116 5.47 29.74 20.59
CA LEU D 116 6.43 28.73 20.98
C LEU D 116 7.73 29.05 20.28
N PRO D 117 8.87 28.70 20.89
CA PRO D 117 10.10 28.84 20.13
C PRO D 117 10.14 27.72 19.07
N LEU D 118 10.19 28.09 17.80
CA LEU D 118 10.09 27.10 16.75
C LEU D 118 11.11 27.23 15.62
N LYS D 119 11.40 26.11 14.96
CA LYS D 119 12.26 26.08 13.78
C LYS D 119 11.59 25.26 12.71
N ALA D 120 11.77 25.72 11.47
CA ALA D 120 11.22 25.07 10.29
C ALA D 120 12.25 25.03 9.16
N LYS D 121 12.05 24.10 8.21
CA LYS D 121 12.90 24.05 7.05
C LYS D 121 12.08 23.66 5.83
N ILE D 122 12.11 24.52 4.81
CA ILE D 122 11.45 24.22 3.53
C ILE D 122 12.54 24.01 2.46
N MET D 123 12.59 22.79 1.92
CA MET D 123 13.62 22.49 0.94
C MET D 123 13.18 22.78 -0.47
N MET D 124 14.13 23.28 -1.25
CA MET D 124 13.98 23.31 -2.70
C MET D 124 12.80 24.14 -3.13
N LEU D 125 12.83 25.37 -2.65
CA LEU D 125 11.91 26.42 -3.02
C LEU D 125 12.39 27.06 -4.32
N PRO D 126 11.58 26.95 -5.38
CA PRO D 126 11.97 27.53 -6.67
C PRO D 126 11.56 29.00 -6.69
N CYS D 127 12.51 29.90 -6.54
CA CYS D 127 12.19 31.32 -6.47
C CYS D 127 12.92 32.07 -7.54
N LYS D 128 12.16 32.55 -8.53
CA LYS D 128 12.69 33.45 -9.55
C LYS D 128 13.34 34.68 -8.90
N GLY D 129 12.75 35.16 -7.81
CA GLY D 129 13.18 36.36 -7.13
C GLY D 129 14.39 36.22 -6.21
N GLY D 130 14.80 34.98 -5.98
CA GLY D 130 16.00 34.70 -5.21
C GLY D 130 15.90 34.91 -3.70
N GLU D 131 17.06 35.10 -3.08
CA GLU D 131 17.16 35.37 -1.65
C GLU D 131 16.24 36.50 -1.23
N GLU D 132 16.34 37.63 -1.94
CA GLU D 132 15.67 38.87 -1.53
C GLU D 132 14.16 38.79 -1.35
N ILE D 133 13.53 38.00 -2.19
CA ILE D 133 12.09 37.86 -2.10
C ILE D 133 11.69 36.93 -0.93
N ILE D 134 12.64 36.13 -0.46
CA ILE D 134 12.37 35.14 0.59
C ILE D 134 12.40 35.87 1.93
N TYR D 135 13.35 36.78 2.06
CA TYR D 135 13.48 37.61 3.24
C TYR D 135 12.28 38.54 3.33
N ARG D 136 11.96 39.19 2.21
CA ARG D 136 10.90 40.18 2.14
C ARG D 136 9.58 39.57 2.52
N LEU D 137 9.48 38.25 2.40
CA LEU D 137 8.23 37.62 2.75
C LEU D 137 8.25 37.13 4.19
N PHE D 138 9.43 36.79 4.69
CA PHE D 138 9.49 36.10 5.98
C PHE D 138 9.97 36.95 7.18
N GLU D 139 10.86 37.90 6.95
CA GLU D 139 11.35 38.67 8.09
C GLU D 139 10.30 39.59 8.76
N PRO D 140 9.42 40.24 7.98
CA PRO D 140 8.32 40.98 8.60
C PRO D 140 7.46 40.16 9.56
N LEU D 141 7.47 38.85 9.40
CA LEU D 141 6.66 37.96 10.24
C LEU D 141 7.39 37.55 11.52
N GLY D 142 8.58 38.13 11.72
CA GLY D 142 9.34 37.88 12.93
C GLY D 142 10.25 36.67 12.87
N TYR D 143 10.63 36.26 11.67
CA TYR D 143 11.53 35.13 11.56
C TYR D 143 12.98 35.57 11.40
N LYS D 144 13.87 34.80 11.99
CA LYS D 144 15.26 34.89 11.60
C LYS D 144 15.36 33.93 10.42
N VAL D 145 15.83 34.43 9.29
CA VAL D 145 15.74 33.65 8.09
C VAL D 145 17.12 33.30 7.56
N ASP D 146 17.35 32.01 7.33
CA ASP D 146 18.59 31.58 6.71
C ASP D 146 18.29 30.85 5.39
N VAL D 147 19.05 31.21 4.37
CA VAL D 147 18.83 30.75 3.01
C VAL D 147 20.07 30.08 2.43
N GLU D 148 19.89 28.88 1.90
CA GLU D 148 21.02 28.23 1.23
C GLU D 148 20.69 27.90 -0.23
N GLY D 149 21.65 28.18 -1.10
CA GLY D 149 21.46 28.05 -2.53
C GLY D 149 22.20 26.84 -3.05
N TYR D 150 21.93 26.48 -4.30
CA TYR D 150 22.57 25.36 -4.92
C TYR D 150 23.06 25.71 -6.31
N MET D 151 24.20 25.13 -6.68
CA MET D 151 24.70 25.16 -8.05
C MET D 151 23.97 24.07 -8.82
N LEU D 152 23.70 24.30 -10.12
CA LEU D 152 22.96 23.33 -10.94
C LEU D 152 23.65 21.96 -11.05
N ASP D 153 24.98 22.00 -11.10
CA ASP D 153 25.78 20.80 -11.19
C ASP D 153 27.21 21.13 -10.81
N GLU D 154 27.64 20.64 -9.65
CA GLU D 154 28.95 20.92 -9.07
C GLU D 154 30.09 20.42 -9.94
N LYS D 155 29.81 19.47 -10.81
CA LYS D 155 30.80 19.06 -11.78
C LYS D 155 31.07 20.21 -12.74
N PHE D 156 30.03 21.00 -13.03
CA PHE D 156 30.10 22.03 -14.06
C PHE D 156 29.75 23.45 -13.58
N PRO D 157 30.63 24.05 -12.78
CA PRO D 157 30.40 25.36 -12.18
C PRO D 157 30.10 26.45 -13.22
N GLU D 158 30.44 26.15 -14.46
CA GLU D 158 30.26 27.11 -15.53
C GLU D 158 28.78 27.25 -15.92
N TRP D 159 27.94 26.32 -15.48
CA TRP D 159 26.51 26.49 -15.67
C TRP D 159 25.91 27.49 -14.67
N GLY D 160 26.56 27.64 -13.51
CA GLY D 160 26.12 28.58 -12.49
C GLY D 160 24.97 28.17 -11.60
N LYS D 161 24.43 29.16 -10.86
CA LYS D 161 23.41 28.95 -9.81
C LYS D 161 22.09 28.38 -10.31
N SER D 162 21.47 27.53 -9.51
CA SER D 162 20.11 27.17 -9.74
C SER D 162 19.27 28.29 -9.13
N ARG D 163 17.96 28.30 -9.41
CA ARG D 163 17.03 29.16 -8.64
C ARG D 163 16.25 28.34 -7.62
N TYR D 164 16.92 27.33 -7.05
CA TYR D 164 16.43 26.64 -5.87
C TYR D 164 17.08 27.19 -4.58
N TYR D 165 16.30 27.22 -3.50
CA TYR D 165 16.78 27.74 -2.25
C TYR D 165 16.16 26.91 -1.16
N THR D 166 16.96 26.55 -0.18
CA THR D 166 16.41 25.94 1.02
C THR D 166 16.33 26.95 2.19
N VAL D 167 15.13 27.11 2.70
CA VAL D 167 14.84 28.17 3.62
C VAL D 167 14.70 27.60 5.03
N SER D 168 15.44 28.18 5.95
CA SER D 168 15.34 27.83 7.35
C SER D 168 14.73 28.98 8.16
N LEU D 169 13.69 28.66 8.94
CA LEU D 169 13.03 29.64 9.80
C LEU D 169 13.20 29.34 11.29
N GLU D 170 13.68 30.32 12.02
CA GLU D 170 13.81 30.26 13.48
C GLU D 170 13.03 31.44 14.03
N GLY D 171 12.01 31.19 14.83
CA GLY D 171 11.29 32.27 15.48
C GLY D 171 10.39 31.80 16.60
N GLU D 172 9.92 32.75 17.41
CA GLU D 172 8.90 32.47 18.44
C GLU D 172 7.53 32.91 17.98
N VAL D 173 6.63 31.94 17.78
CA VAL D 173 5.33 32.16 17.12
C VAL D 173 4.34 31.06 17.51
N ARG D 174 3.05 31.25 17.23
CA ARG D 174 2.08 30.19 17.48
C ARG D 174 2.18 29.18 16.37
N VAL D 175 1.99 27.90 16.72
CA VAL D 175 2.04 26.83 15.74
C VAL D 175 1.17 27.10 14.52
N ARG D 176 0.00 27.67 14.76
CA ARG D 176 -0.96 27.89 13.68
C ARG D 176 -0.50 29.00 12.76
N ASP D 177 0.27 29.93 13.30
CA ASP D 177 0.76 31.01 12.47
C ASP D 177 1.81 30.46 11.55
N LEU D 178 2.72 29.68 12.13
CA LEU D 178 3.78 29.05 11.39
C LEU D 178 3.20 28.28 10.20
N LEU D 179 2.21 27.43 10.45
CA LEU D 179 1.62 26.63 9.38
C LEU D 179 0.90 27.49 8.35
N ASN D 180 0.24 28.53 8.83
CA ASN D 180 -0.47 29.45 7.96
C ASN D 180 0.47 30.39 7.22
N HIS D 181 1.59 30.73 7.83
CA HIS D 181 2.57 31.51 7.11
C HIS D 181 3.08 30.74 5.91
N ILE D 182 3.49 29.50 6.16
CA ILE D 182 4.12 28.66 5.17
C ILE D 182 3.11 28.31 4.09
N TYR D 183 1.89 28.06 4.51
CA TYR D 183 0.84 27.67 3.57
C TYR D 183 0.58 28.78 2.56
N VAL D 184 0.47 30.01 3.04
CA VAL D 184 0.21 31.13 2.13
C VAL D 184 1.44 31.55 1.31
N LEU D 185 2.59 31.61 1.98
CA LEU D 185 3.79 32.20 1.38
C LEU D 185 4.50 31.35 0.31
N ILE D 186 4.39 30.02 0.42
CA ILE D 186 5.03 29.09 -0.52
C ILE D 186 4.55 29.22 -1.99
N PRO D 187 3.22 29.27 -2.23
CA PRO D 187 2.77 29.47 -3.60
C PRO D 187 2.98 30.89 -4.17
N VAL D 188 3.49 31.80 -3.37
CA VAL D 188 3.80 33.14 -3.87
C VAL D 188 5.15 33.11 -4.57
N LEU D 189 6.01 32.19 -4.15
CA LEU D 189 7.34 32.04 -4.73
C LEU D 189 7.30 31.12 -5.96
N ASP D 190 6.32 30.23 -6.00
CA ASP D 190 6.13 29.31 -7.11
C ASP D 190 5.53 30.03 -8.33
N SER D 191 6.39 30.64 -9.13
CA SER D 191 5.98 31.44 -10.29
C SER D 191 5.16 30.68 -11.33
N GLU D 192 5.41 29.38 -11.48
CA GLU D 192 4.77 28.62 -12.54
C GLU D 192 3.73 27.62 -12.02
N LYS D 193 3.09 27.96 -10.90
CA LYS D 193 1.99 27.12 -10.43
C LYS D 193 0.84 27.09 -11.42
N HIS D 194 0.68 28.18 -12.17
CA HIS D 194 -0.33 28.29 -13.23
C HIS D 194 -0.20 27.18 -14.28
N TYR D 195 1.05 26.76 -14.52
CA TYR D 195 1.37 25.66 -15.43
C TYR D 195 0.74 24.35 -14.93
N TRP D 196 0.80 24.13 -13.62
CA TRP D 196 0.50 22.82 -13.02
C TRP D 196 -0.77 22.75 -12.18
N ASP D 203 -8.13 26.28 0.30
CA ASP D 203 -7.32 26.91 -0.74
C ASP D 203 -7.58 28.42 -0.81
N LYS D 204 -8.67 28.86 -0.18
CA LYS D 204 -9.06 30.28 -0.18
C LYS D 204 -8.19 31.10 0.75
N LEU D 205 -7.78 32.28 0.29
CA LEU D 205 -6.72 33.05 0.95
C LEU D 205 -7.01 33.53 2.36
N PHE D 206 -7.81 34.59 2.45
CA PHE D 206 -7.96 35.37 3.69
C PHE D 206 -8.34 34.54 4.92
N GLN D 207 -8.87 33.35 4.73
CA GLN D 207 -9.18 32.46 5.84
C GLN D 207 -7.90 31.93 6.44
N HIS D 208 -6.79 32.13 5.73
CA HIS D 208 -5.47 31.64 6.14
C HIS D 208 -4.51 32.72 6.57
N GLY D 209 -4.80 33.96 6.18
CA GLY D 209 -3.94 35.09 6.50
C GLY D 209 -4.42 35.94 7.66
N GLU D 210 -5.43 35.44 8.40
CA GLU D 210 -6.01 36.17 9.52
C GLU D 210 -5.02 36.45 10.61
N GLY D 211 -4.81 37.73 10.90
CA GLY D 211 -3.93 38.17 11.95
C GLY D 211 -2.68 38.88 11.47
N TRP D 212 -2.18 38.47 10.31
CA TRP D 212 -0.84 38.86 9.89
C TRP D 212 -0.79 39.46 8.49
N LEU D 213 -1.64 38.95 7.60
CA LEU D 213 -1.62 39.32 6.19
C LEU D 213 -1.87 40.81 5.91
N VAL D 214 -2.98 41.36 6.42
CA VAL D 214 -3.33 42.77 6.25
C VAL D 214 -2.17 43.71 6.59
N ASP D 215 -1.40 43.34 7.59
CA ASP D 215 -0.34 44.21 8.08
C ASP D 215 0.98 43.98 7.36
N HIS D 216 1.08 42.90 6.58
CA HIS D 216 2.33 42.53 5.92
C HIS D 216 2.68 43.56 4.85
N PRO D 217 3.95 44.03 4.84
CA PRO D 217 4.42 45.00 3.83
C PRO D 217 4.21 44.55 2.37
N GLU D 218 4.34 43.26 2.08
CA GLU D 218 4.20 42.78 0.70
C GLU D 218 2.81 42.20 0.43
N LYS D 219 1.79 42.68 1.14
CA LYS D 219 0.47 42.04 1.03
C LYS D 219 -0.16 42.21 -0.36
N GLU D 220 0.14 43.32 -1.04
CA GLU D 220 -0.37 43.49 -2.40
C GLU D 220 0.21 42.38 -3.26
N LEU D 221 1.54 42.27 -3.21
CA LEU D 221 2.31 41.21 -3.88
C LEU D 221 1.88 39.78 -3.50
N ILE D 222 1.49 39.57 -2.25
CA ILE D 222 1.06 38.26 -1.78
C ILE D 222 -0.33 37.91 -2.31
N THR D 223 -1.14 38.94 -2.53
CA THR D 223 -2.51 38.76 -3.06
C THR D 223 -2.51 38.81 -4.57
C1 GOL E . -20.98 2.56 62.63
O1 GOL E . -21.66 3.78 62.81
C2 GOL E . -20.82 2.17 61.14
O2 GOL E . -21.79 1.24 60.71
C3 GOL E . -19.39 1.68 60.81
O3 GOL E . -19.37 0.33 60.40
#